data_2EQF
#
_entry.id   2EQF
#
loop_
_entity.id
_entity.type
_entity.pdbx_description
1 polymer 'Tumor necrosis factor, alpha-induced protein 3'
2 non-polymer 'ZINC ION'
#
_entity_poly.entity_id   1
_entity_poly.type   'polypeptide(L)'
_entity_poly.pdbx_seq_one_letter_code
;GSSGSSGPKQRCRAPACDHFGNAKCNGYCNECFQFKQMYGSGPSSG
;
_entity_poly.pdbx_strand_id   A
#
loop_
_chem_comp.id
_chem_comp.type
_chem_comp.name
_chem_comp.formula
ZN non-polymer 'ZINC ION' 'Zn 2'
#
# COMPACT_ATOMS: atom_id res chain seq x y z
N GLY A 1 9.09 18.12 -0.71
CA GLY A 1 9.78 18.38 -1.94
C GLY A 1 10.71 19.59 -1.84
N SER A 2 11.75 19.47 -1.03
CA SER A 2 12.71 20.55 -0.84
C SER A 2 13.82 20.48 -1.88
N SER A 3 13.94 21.53 -2.69
CA SER A 3 14.96 21.58 -3.73
C SER A 3 15.20 20.20 -4.33
N GLY A 4 14.11 19.47 -4.57
CA GLY A 4 14.22 18.15 -5.14
C GLY A 4 15.15 17.24 -4.35
N SER A 5 14.58 16.43 -3.46
CA SER A 5 15.38 15.52 -2.65
C SER A 5 15.53 14.17 -3.33
N SER A 6 16.61 13.47 -3.00
CA SER A 6 16.87 12.16 -3.58
C SER A 6 16.24 11.05 -2.75
N GLY A 7 15.85 9.97 -3.40
CA GLY A 7 15.24 8.85 -2.70
C GLY A 7 14.72 7.78 -3.65
N PRO A 8 14.80 6.51 -3.22
CA PRO A 8 14.34 5.38 -4.02
C PRO A 8 12.82 5.35 -4.16
N LYS A 9 12.35 4.77 -5.27
CA LYS A 9 10.92 4.68 -5.53
C LYS A 9 10.33 3.43 -4.88
N GLN A 10 10.81 3.11 -3.67
CA GLN A 10 10.34 1.94 -2.95
C GLN A 10 9.51 2.36 -1.73
N ARG A 11 8.65 3.35 -1.92
CA ARG A 11 7.81 3.86 -0.83
C ARG A 11 6.34 3.78 -1.22
N CYS A 12 5.47 3.66 -0.22
CA CYS A 12 4.04 3.58 -0.45
C CYS A 12 3.62 4.45 -1.64
N ARG A 13 2.67 3.96 -2.41
CA ARG A 13 2.19 4.69 -3.59
C ARG A 13 1.10 5.68 -3.20
N ALA A 14 1.28 6.34 -2.06
CA ALA A 14 0.31 7.32 -1.57
C ALA A 14 0.97 8.68 -1.34
N PRO A 15 0.22 9.75 -1.62
CA PRO A 15 0.71 11.12 -1.45
C PRO A 15 0.87 11.50 0.02
N ALA A 16 0.21 10.74 0.89
CA ALA A 16 0.28 11.00 2.33
C ALA A 16 0.70 9.74 3.09
N CYS A 17 1.80 9.13 2.65
CA CYS A 17 2.30 7.92 3.28
C CYS A 17 3.78 7.73 2.99
N ASP A 18 4.62 7.94 4.00
CA ASP A 18 6.06 7.79 3.85
C ASP A 18 6.54 6.48 4.45
N HIS A 19 5.78 5.41 4.23
CA HIS A 19 6.13 4.10 4.76
C HIS A 19 6.49 3.14 3.63
N PHE A 20 7.29 2.13 3.95
CA PHE A 20 7.71 1.14 2.97
C PHE A 20 6.55 0.27 2.54
N GLY A 21 6.26 0.27 1.24
CA GLY A 21 5.17 -0.54 0.72
C GLY A 21 5.61 -1.93 0.32
N ASN A 22 4.84 -2.56 -0.56
CA ASN A 22 5.15 -3.91 -1.03
C ASN A 22 4.30 -4.28 -2.24
N ALA A 23 4.91 -4.94 -3.22
CA ALA A 23 4.21 -5.36 -4.42
C ALA A 23 2.90 -6.05 -4.07
N LYS A 24 2.98 -7.08 -3.23
CA LYS A 24 1.80 -7.83 -2.82
C LYS A 24 0.63 -6.89 -2.53
N CYS A 25 0.90 -5.85 -1.75
CA CYS A 25 -0.12 -4.87 -1.39
C CYS A 25 -0.28 -3.82 -2.49
N ASN A 26 -0.20 -4.26 -3.74
CA ASN A 26 -0.32 -3.35 -4.87
C ASN A 26 0.57 -2.13 -4.70
N GLY A 27 1.78 -2.35 -4.18
CA GLY A 27 2.71 -1.27 -3.97
C GLY A 27 2.49 -0.57 -2.64
N TYR A 28 1.23 -0.32 -2.31
CA TYR A 28 0.90 0.35 -1.05
C TYR A 28 1.35 -0.47 0.14
N CYS A 29 1.22 0.12 1.33
CA CYS A 29 1.63 -0.56 2.57
C CYS A 29 0.43 -1.23 3.23
N ASN A 30 0.70 -2.31 3.96
CA ASN A 30 -0.37 -3.05 4.65
C ASN A 30 -1.44 -2.09 5.15
N GLU A 31 -1.02 -1.07 5.88
CA GLU A 31 -1.96 -0.09 6.43
C GLU A 31 -2.94 0.39 5.36
N CYS A 32 -2.40 1.02 4.32
CA CYS A 32 -3.23 1.53 3.23
C CYS A 32 -4.04 0.40 2.59
N PHE A 33 -3.35 -0.68 2.24
CA PHE A 33 -4.00 -1.83 1.61
C PHE A 33 -5.26 -2.22 2.38
N GLN A 34 -5.13 -2.41 3.68
CA GLN A 34 -6.26 -2.79 4.52
C GLN A 34 -7.36 -1.74 4.45
N PHE A 35 -7.04 -0.52 4.86
CA PHE A 35 -7.99 0.58 4.85
C PHE A 35 -8.77 0.60 3.54
N LYS A 36 -8.05 0.61 2.42
CA LYS A 36 -8.68 0.62 1.10
C LYS A 36 -9.97 -0.18 1.10
N GLN A 37 -9.92 -1.38 1.68
CA GLN A 37 -11.09 -2.25 1.74
C GLN A 37 -12.35 -1.43 2.04
N MET A 38 -13.47 -1.85 1.46
CA MET A 38 -14.74 -1.17 1.66
C MET A 38 -15.19 -1.28 3.12
N TYR A 39 -15.23 -0.16 3.82
CA TYR A 39 -15.64 -0.13 5.21
C TYR A 39 -17.06 -0.65 5.37
N GLY A 40 -17.19 -1.85 5.93
CA GLY A 40 -18.51 -2.44 6.13
C GLY A 40 -18.76 -3.60 5.20
N SER A 41 -17.79 -4.51 5.09
CA SER A 41 -17.92 -5.66 4.22
C SER A 41 -18.29 -6.91 5.02
N GLY A 42 -19.21 -6.74 5.97
CA GLY A 42 -19.65 -7.85 6.79
C GLY A 42 -20.24 -8.98 5.98
N PRO A 43 -20.42 -10.15 6.60
CA PRO A 43 -20.99 -11.33 5.95
C PRO A 43 -22.48 -11.16 5.64
N SER A 44 -23.16 -10.41 6.48
CA SER A 44 -24.59 -10.17 6.30
C SER A 44 -24.85 -8.74 5.80
N SER A 45 -25.99 -8.56 5.14
CA SER A 45 -26.36 -7.24 4.62
C SER A 45 -27.79 -7.24 4.11
N GLY A 46 -28.48 -6.12 4.30
CA GLY A 46 -29.86 -6.02 3.86
C GLY A 46 -30.14 -4.70 3.17
ZN ZN B . 0.66 3.51 2.94
N GLY A 1 15.00 -4.27 -21.07
CA GLY A 1 13.79 -3.48 -20.98
C GLY A 1 14.04 -2.00 -21.17
N SER A 2 12.99 -1.20 -20.99
CA SER A 2 13.11 0.25 -21.17
C SER A 2 12.42 0.98 -20.01
N SER A 3 11.13 0.72 -19.83
CA SER A 3 10.36 1.35 -18.78
C SER A 3 10.74 0.78 -17.41
N GLY A 4 10.90 1.68 -16.43
CA GLY A 4 11.27 1.24 -15.10
C GLY A 4 11.14 2.36 -14.08
N SER A 5 11.76 2.16 -12.91
CA SER A 5 11.71 3.16 -11.85
C SER A 5 13.09 3.75 -11.59
N SER A 6 13.36 4.91 -12.18
CA SER A 6 14.64 5.57 -12.02
C SER A 6 15.06 5.60 -10.55
N GLY A 7 16.19 4.99 -10.24
CA GLY A 7 16.67 4.96 -8.87
C GLY A 7 16.16 3.76 -8.10
N PRO A 8 16.99 3.24 -7.18
CA PRO A 8 16.63 2.08 -6.36
C PRO A 8 15.54 2.42 -5.34
N LYS A 9 15.18 3.69 -5.26
CA LYS A 9 14.15 4.14 -4.32
C LYS A 9 12.91 3.27 -4.42
N GLN A 10 12.24 3.06 -3.30
CA GLN A 10 11.03 2.25 -3.26
C GLN A 10 10.21 2.55 -2.01
N ARG A 11 9.09 3.25 -2.20
CA ARG A 11 8.22 3.60 -1.09
C ARG A 11 6.78 3.17 -1.38
N CYS A 12 5.90 3.39 -0.40
CA CYS A 12 4.50 3.02 -0.54
C CYS A 12 3.86 3.74 -1.72
N ARG A 13 2.96 3.04 -2.42
CA ARG A 13 2.29 3.60 -3.58
C ARG A 13 1.68 4.96 -3.23
N ALA A 14 1.02 5.04 -2.08
CA ALA A 14 0.39 6.27 -1.64
C ALA A 14 1.39 7.44 -1.65
N PRO A 15 0.90 8.62 -2.01
CA PRO A 15 1.74 9.84 -2.07
C PRO A 15 2.16 10.31 -0.69
N ALA A 16 1.32 10.05 0.31
CA ALA A 16 1.62 10.45 1.68
C ALA A 16 1.74 9.23 2.60
N CYS A 17 2.81 8.47 2.41
CA CYS A 17 3.04 7.27 3.21
C CYS A 17 4.52 6.87 3.19
N ASP A 18 5.09 6.71 4.37
CA ASP A 18 6.50 6.33 4.49
C ASP A 18 6.65 4.81 4.49
N HIS A 19 5.61 4.11 4.92
CA HIS A 19 5.63 2.66 4.96
C HIS A 19 6.15 2.08 3.64
N PHE A 20 6.65 0.85 3.69
CA PHE A 20 7.17 0.19 2.50
C PHE A 20 6.10 -0.67 1.84
N GLY A 21 5.50 -0.15 0.79
CA GLY A 21 4.46 -0.89 0.08
C GLY A 21 4.98 -2.16 -0.55
N ASN A 22 4.08 -3.10 -0.81
CA ASN A 22 4.46 -4.37 -1.41
C ASN A 22 3.49 -4.75 -2.54
N ALA A 23 3.97 -5.60 -3.44
CA ALA A 23 3.15 -6.04 -4.57
C ALA A 23 1.91 -6.79 -4.09
N LYS A 24 2.08 -7.62 -3.07
CA LYS A 24 0.97 -8.40 -2.52
C LYS A 24 -0.19 -7.49 -2.15
N CYS A 25 0.12 -6.32 -1.62
CA CYS A 25 -0.91 -5.35 -1.23
C CYS A 25 -1.16 -4.34 -2.36
N ASN A 26 -1.07 -4.80 -3.59
CA ASN A 26 -1.29 -3.94 -4.75
C ASN A 26 -0.36 -2.73 -4.71
N GLY A 27 0.91 -2.99 -4.39
CA GLY A 27 1.88 -1.91 -4.33
C GLY A 27 1.83 -1.15 -3.02
N TYR A 28 0.62 -0.98 -2.49
CA TYR A 28 0.44 -0.26 -1.23
C TYR A 28 0.89 -1.11 -0.05
N CYS A 29 1.10 -0.46 1.09
CA CYS A 29 1.54 -1.16 2.30
C CYS A 29 0.35 -1.75 3.05
N ASN A 30 0.64 -2.55 4.06
CA ASN A 30 -0.41 -3.19 4.86
C ASN A 30 -1.38 -2.13 5.41
N GLU A 31 -0.82 -1.01 5.86
CA GLU A 31 -1.63 0.07 6.41
C GLU A 31 -2.66 0.56 5.40
N CYS A 32 -2.17 1.07 4.27
CA CYS A 32 -3.04 1.57 3.22
C CYS A 32 -3.96 0.47 2.69
N PHE A 33 -3.36 -0.64 2.27
CA PHE A 33 -4.13 -1.76 1.75
C PHE A 33 -5.38 -2.00 2.58
N GLN A 34 -5.19 -2.32 3.86
CA GLN A 34 -6.31 -2.58 4.76
C GLN A 34 -7.38 -1.50 4.61
N PHE A 35 -7.01 -0.25 4.90
CA PHE A 35 -7.94 0.87 4.80
C PHE A 35 -8.87 0.69 3.60
N LYS A 36 -8.32 0.18 2.50
CA LYS A 36 -9.10 -0.05 1.29
C LYS A 36 -10.15 -1.13 1.50
N GLN A 37 -9.69 -2.31 1.93
CA GLN A 37 -10.59 -3.43 2.18
C GLN A 37 -11.92 -2.95 2.75
N MET A 38 -13.02 -3.47 2.20
CA MET A 38 -14.35 -3.09 2.66
C MET A 38 -14.77 -3.94 3.86
N TYR A 39 -15.53 -3.33 4.76
CA TYR A 39 -16.00 -4.03 5.96
C TYR A 39 -16.85 -5.24 5.59
N GLY A 40 -16.36 -6.42 5.92
CA GLY A 40 -17.09 -7.64 5.61
C GLY A 40 -16.50 -8.86 6.30
N SER A 41 -15.27 -9.20 5.95
CA SER A 41 -14.59 -10.35 6.53
C SER A 41 -14.10 -10.04 7.94
N GLY A 42 -14.74 -10.65 8.93
CA GLY A 42 -14.36 -10.42 10.31
C GLY A 42 -14.78 -11.56 11.22
N PRO A 43 -14.00 -12.64 11.22
CA PRO A 43 -14.28 -13.82 12.05
C PRO A 43 -14.07 -13.55 13.54
N SER A 44 -14.72 -14.35 14.39
CA SER A 44 -14.60 -14.19 15.83
C SER A 44 -13.33 -14.86 16.34
N SER A 45 -12.21 -14.14 16.27
CA SER A 45 -10.94 -14.67 16.72
C SER A 45 -9.92 -13.54 16.92
N GLY A 46 -8.83 -13.84 17.62
CA GLY A 46 -7.81 -12.84 17.87
C GLY A 46 -7.39 -12.12 16.60
ZN ZN B . 0.98 3.02 2.78
N GLY A 1 11.02 11.53 -22.58
CA GLY A 1 11.71 12.73 -22.15
C GLY A 1 11.74 12.88 -20.65
N SER A 2 10.83 13.68 -20.11
CA SER A 2 10.75 13.91 -18.68
C SER A 2 10.65 12.59 -17.92
N SER A 3 9.64 11.80 -18.25
CA SER A 3 9.44 10.51 -17.60
C SER A 3 10.46 9.49 -18.07
N GLY A 4 10.89 8.63 -17.16
CA GLY A 4 11.87 7.61 -17.49
C GLY A 4 12.21 6.71 -16.32
N SER A 5 13.29 5.94 -16.46
CA SER A 5 13.72 5.04 -15.39
C SER A 5 15.05 5.47 -14.81
N SER A 6 15.00 6.22 -13.71
CA SER A 6 16.20 6.70 -13.06
C SER A 6 16.21 6.31 -11.57
N GLY A 7 15.78 5.09 -11.29
CA GLY A 7 15.74 4.62 -9.92
C GLY A 7 14.79 5.42 -9.05
N PRO A 8 13.49 5.16 -9.20
CA PRO A 8 12.45 5.86 -8.43
C PRO A 8 12.46 5.48 -6.96
N LYS A 9 11.82 6.30 -6.13
CA LYS A 9 11.75 6.04 -4.70
C LYS A 9 11.44 4.57 -4.41
N GLN A 10 11.56 4.17 -3.15
CA GLN A 10 11.29 2.80 -2.76
C GLN A 10 10.38 2.76 -1.54
N ARG A 11 9.33 3.58 -1.57
CA ARG A 11 8.37 3.64 -0.46
C ARG A 11 6.96 3.32 -0.95
N CYS A 12 6.01 3.29 -0.03
CA CYS A 12 4.63 3.00 -0.36
C CYS A 12 4.09 3.99 -1.40
N ARG A 13 3.36 3.48 -2.38
CA ARG A 13 2.80 4.32 -3.42
C ARG A 13 2.03 5.49 -2.83
N ALA A 14 1.20 5.20 -1.83
CA ALA A 14 0.41 6.23 -1.16
C ALA A 14 1.17 7.55 -1.08
N PRO A 15 0.45 8.66 -1.24
CA PRO A 15 1.04 10.00 -1.19
C PRO A 15 1.50 10.38 0.22
N ALA A 16 0.77 9.90 1.22
CA ALA A 16 1.10 10.18 2.61
C ALA A 16 1.42 8.90 3.38
N CYS A 17 2.43 8.17 2.91
CA CYS A 17 2.81 6.92 3.54
C CYS A 17 4.33 6.72 3.46
N ASP A 18 4.99 6.79 4.63
CA ASP A 18 6.43 6.62 4.69
C ASP A 18 6.80 5.20 5.09
N HIS A 19 6.16 4.22 4.46
CA HIS A 19 6.41 2.81 4.75
C HIS A 19 6.85 2.07 3.50
N PHE A 20 7.28 0.83 3.68
CA PHE A 20 7.72 0.01 2.56
C PHE A 20 6.59 -0.88 2.05
N GLY A 21 6.01 -0.49 0.92
CA GLY A 21 4.92 -1.26 0.34
C GLY A 21 5.37 -2.62 -0.16
N ASN A 22 4.47 -3.32 -0.84
CA ASN A 22 4.78 -4.65 -1.38
C ASN A 22 3.87 -4.99 -2.56
N ALA A 23 4.27 -5.99 -3.32
CA ALA A 23 3.49 -6.42 -4.48
C ALA A 23 2.09 -6.86 -4.07
N LYS A 24 1.98 -7.45 -2.89
CA LYS A 24 0.69 -7.92 -2.38
C LYS A 24 -0.41 -6.92 -2.71
N CYS A 25 -0.24 -5.68 -2.26
CA CYS A 25 -1.22 -4.64 -2.51
C CYS A 25 -0.89 -3.86 -3.77
N ASN A 26 -0.48 -4.57 -4.82
CA ASN A 26 -0.13 -3.95 -6.08
C ASN A 26 0.85 -2.79 -5.86
N GLY A 27 1.62 -2.87 -4.79
CA GLY A 27 2.59 -1.83 -4.47
C GLY A 27 2.38 -1.24 -3.10
N TYR A 28 1.13 -0.96 -2.76
CA TYR A 28 0.80 -0.38 -1.46
C TYR A 28 1.19 -1.32 -0.33
N CYS A 29 1.31 -0.77 0.88
CA CYS A 29 1.67 -1.56 2.04
C CYS A 29 0.44 -2.19 2.69
N ASN A 30 0.67 -3.05 3.66
CA ASN A 30 -0.43 -3.72 4.37
C ASN A 30 -1.35 -2.70 5.03
N GLU A 31 -0.75 -1.71 5.68
CA GLU A 31 -1.53 -0.67 6.35
C GLU A 31 -2.51 -0.01 5.40
N CYS A 32 -2.04 0.29 4.19
CA CYS A 32 -2.87 0.93 3.17
C CYS A 32 -3.93 -0.04 2.65
N PHE A 33 -3.51 -1.27 2.38
CA PHE A 33 -4.41 -2.31 1.87
C PHE A 33 -5.76 -2.23 2.57
N GLN A 34 -5.76 -2.41 3.88
CA GLN A 34 -6.99 -2.38 4.66
C GLN A 34 -7.79 -1.12 4.34
N PHE A 35 -7.21 0.04 4.62
CA PHE A 35 -7.87 1.31 4.36
C PHE A 35 -8.53 1.31 2.98
N LYS A 36 -7.76 0.93 1.97
CA LYS A 36 -8.26 0.89 0.60
C LYS A 36 -9.53 0.03 0.51
N GLN A 37 -9.35 -1.28 0.66
CA GLN A 37 -10.47 -2.21 0.60
C GLN A 37 -11.59 -1.79 1.56
N MET A 38 -12.82 -2.03 1.17
CA MET A 38 -13.97 -1.68 2.00
C MET A 38 -14.88 -2.89 2.21
N TYR A 39 -14.94 -3.37 3.45
CA TYR A 39 -15.77 -4.52 3.78
C TYR A 39 -15.44 -5.70 2.89
N GLY A 40 -14.15 -5.90 2.63
CA GLY A 40 -13.73 -7.01 1.77
C GLY A 40 -13.64 -8.32 2.53
N SER A 41 -12.92 -8.32 3.65
CA SER A 41 -12.75 -9.52 4.46
C SER A 41 -12.97 -9.20 5.93
N GLY A 42 -14.00 -9.82 6.52
CA GLY A 42 -14.28 -9.59 7.92
C GLY A 42 -15.46 -10.42 8.41
N PRO A 43 -15.20 -11.71 8.72
CA PRO A 43 -16.24 -12.63 9.19
C PRO A 43 -16.71 -12.29 10.61
N SER A 44 -17.84 -12.86 11.00
CA SER A 44 -18.40 -12.61 12.32
C SER A 44 -18.12 -13.78 13.26
N SER A 45 -18.45 -13.61 14.53
CA SER A 45 -18.23 -14.65 15.53
C SER A 45 -19.27 -15.75 15.41
N GLY A 46 -20.54 -15.39 15.53
CA GLY A 46 -21.60 -16.36 15.43
C GLY A 46 -22.96 -15.77 15.77
ZN ZN B . 1.05 2.53 2.71
N GLY A 1 16.98 5.83 1.51
CA GLY A 1 18.17 5.09 1.89
C GLY A 1 19.43 5.63 1.23
N SER A 2 20.18 6.43 1.97
CA SER A 2 21.42 7.02 1.46
C SER A 2 22.25 5.96 0.72
N SER A 3 23.29 6.43 0.04
CA SER A 3 24.17 5.53 -0.71
C SER A 3 24.95 4.62 0.24
N GLY A 4 25.24 3.41 -0.23
CA GLY A 4 25.98 2.46 0.59
C GLY A 4 25.25 1.14 0.77
N SER A 5 24.10 1.20 1.45
CA SER A 5 23.31 0.00 1.69
C SER A 5 22.99 -0.72 0.38
N SER A 6 22.27 -1.83 0.49
CA SER A 6 21.91 -2.62 -0.69
C SER A 6 20.40 -2.84 -0.74
N GLY A 7 19.91 -3.25 -1.90
CA GLY A 7 18.49 -3.50 -2.06
C GLY A 7 17.81 -2.42 -2.88
N PRO A 8 16.78 -2.81 -3.65
CA PRO A 8 16.02 -1.88 -4.48
C PRO A 8 15.17 -0.93 -3.66
N LYS A 9 15.57 0.34 -3.61
CA LYS A 9 14.84 1.35 -2.86
C LYS A 9 13.39 1.43 -3.33
N GLN A 10 12.45 1.28 -2.40
CA GLN A 10 11.04 1.33 -2.73
C GLN A 10 10.22 1.80 -1.52
N ARG A 11 9.16 2.56 -1.78
CA ARG A 11 8.31 3.07 -0.72
C ARG A 11 6.84 2.96 -1.11
N CYS A 12 5.95 3.19 -0.14
CA CYS A 12 4.53 3.12 -0.39
C CYS A 12 4.13 3.99 -1.58
N ARG A 13 3.23 3.48 -2.41
CA ARG A 13 2.77 4.20 -3.59
C ARG A 13 2.07 5.50 -3.19
N ALA A 14 1.30 5.45 -2.11
CA ALA A 14 0.59 6.61 -1.63
C ALA A 14 1.49 7.84 -1.60
N PRO A 15 0.90 9.00 -1.91
CA PRO A 15 1.64 10.28 -1.94
C PRO A 15 2.04 10.74 -0.54
N ALA A 16 1.24 10.36 0.45
CA ALA A 16 1.51 10.74 1.84
C ALA A 16 1.68 9.50 2.72
N CYS A 17 2.76 8.76 2.50
CA CYS A 17 3.03 7.55 3.26
C CYS A 17 4.51 7.21 3.22
N ASP A 18 5.12 7.06 4.39
CA ASP A 18 6.53 6.73 4.49
C ASP A 18 6.73 5.28 4.93
N HIS A 19 5.91 4.39 4.35
CA HIS A 19 6.00 2.97 4.69
C HIS A 19 6.45 2.16 3.47
N PHE A 20 6.67 0.86 3.68
CA PHE A 20 7.10 -0.02 2.61
C PHE A 20 5.90 -0.60 1.86
N GLY A 21 6.04 -0.73 0.54
CA GLY A 21 4.97 -1.27 -0.27
C GLY A 21 5.44 -2.34 -1.23
N ASN A 22 4.70 -3.44 -1.31
CA ASN A 22 5.06 -4.54 -2.19
C ASN A 22 3.94 -4.81 -3.20
N ALA A 23 4.30 -5.40 -4.33
CA ALA A 23 3.34 -5.72 -5.37
C ALA A 23 2.09 -6.37 -4.78
N LYS A 24 2.29 -7.33 -3.89
CA LYS A 24 1.18 -8.03 -3.25
C LYS A 24 0.07 -7.07 -2.89
N CYS A 25 0.42 -6.00 -2.18
CA CYS A 25 -0.56 -4.99 -1.77
C CYS A 25 -0.75 -3.95 -2.86
N ASN A 26 -0.81 -4.40 -4.11
CA ASN A 26 -0.99 -3.50 -5.24
C ASN A 26 -0.11 -2.26 -5.10
N GLY A 27 1.13 -2.47 -4.68
CA GLY A 27 2.06 -1.37 -4.50
C GLY A 27 1.97 -0.75 -3.12
N TYR A 28 0.76 -0.35 -2.73
CA TYR A 28 0.55 0.26 -1.42
C TYR A 28 1.09 -0.63 -0.31
N CYS A 29 1.10 -0.09 0.91
CA CYS A 29 1.60 -0.84 2.07
C CYS A 29 0.45 -1.50 2.81
N ASN A 30 0.79 -2.31 3.81
CA ASN A 30 -0.22 -3.01 4.60
C ASN A 30 -1.24 -2.03 5.17
N GLU A 31 -0.74 -0.98 5.82
CA GLU A 31 -1.62 0.03 6.40
C GLU A 31 -2.66 0.51 5.40
N CYS A 32 -2.19 1.03 4.27
CA CYS A 32 -3.08 1.52 3.22
C CYS A 32 -4.03 0.43 2.76
N PHE A 33 -3.47 -0.64 2.21
CA PHE A 33 -4.26 -1.76 1.72
C PHE A 33 -5.37 -2.11 2.72
N GLN A 34 -5.00 -2.24 3.99
CA GLN A 34 -5.96 -2.58 5.04
C GLN A 34 -7.21 -1.70 4.92
N PHE A 35 -7.00 -0.42 4.61
CA PHE A 35 -8.11 0.52 4.48
C PHE A 35 -8.80 0.36 3.14
N LYS A 36 -8.01 0.20 2.07
CA LYS A 36 -8.54 0.04 0.73
C LYS A 36 -9.80 -0.83 0.75
N GLN A 37 -9.68 -2.04 1.31
CA GLN A 37 -10.81 -2.96 1.39
C GLN A 37 -12.11 -2.21 1.67
N MET A 38 -12.04 -1.26 2.61
CA MET A 38 -13.21 -0.47 2.96
C MET A 38 -14.08 -0.18 1.74
N TYR A 39 -15.31 -0.67 1.76
CA TYR A 39 -16.22 -0.46 0.65
C TYR A 39 -17.66 -0.84 1.04
N GLY A 40 -18.60 0.03 0.73
CA GLY A 40 -19.99 -0.23 1.06
C GLY A 40 -20.95 0.63 0.25
N SER A 41 -21.17 1.85 0.71
CA SER A 41 -22.08 2.77 0.03
C SER A 41 -21.32 3.68 -0.93
N GLY A 42 -21.94 3.99 -2.07
CA GLY A 42 -21.29 4.85 -3.05
C GLY A 42 -20.81 4.07 -4.26
N PRO A 43 -21.71 3.82 -5.21
CA PRO A 43 -21.40 3.07 -6.43
C PRO A 43 -20.49 3.87 -7.38
N SER A 44 -19.40 3.26 -7.81
CA SER A 44 -18.46 3.92 -8.70
C SER A 44 -17.70 2.88 -9.54
N SER A 45 -16.85 3.38 -10.44
CA SER A 45 -16.07 2.51 -11.30
C SER A 45 -14.77 2.08 -10.62
N GLY A 46 -14.16 1.01 -11.11
CA GLY A 46 -12.92 0.52 -10.54
C GLY A 46 -12.62 -0.90 -10.93
ZN ZN B . 0.93 3.29 2.79
N GLY A 1 19.64 8.86 -10.92
CA GLY A 1 18.71 9.54 -10.04
C GLY A 1 18.79 11.05 -10.18
N SER A 2 17.99 11.76 -9.39
CA SER A 2 17.97 13.22 -9.43
C SER A 2 19.31 13.79 -8.97
N SER A 3 19.84 13.23 -7.89
CA SER A 3 21.11 13.68 -7.34
C SER A 3 22.08 12.52 -7.18
N GLY A 4 23.29 12.68 -7.71
CA GLY A 4 24.30 11.64 -7.61
C GLY A 4 23.74 10.27 -7.97
N SER A 5 24.14 9.25 -7.22
CA SER A 5 23.69 7.89 -7.46
C SER A 5 22.57 7.51 -6.50
N SER A 6 21.38 7.29 -7.05
CA SER A 6 20.21 6.92 -6.25
C SER A 6 20.19 5.42 -5.99
N GLY A 7 20.08 5.05 -4.72
CA GLY A 7 20.04 3.64 -4.36
C GLY A 7 18.75 2.97 -4.78
N PRO A 8 18.42 1.84 -4.11
CA PRO A 8 17.21 1.09 -4.40
C PRO A 8 15.95 1.82 -3.97
N LYS A 9 15.24 2.40 -4.94
CA LYS A 9 14.02 3.13 -4.66
C LYS A 9 12.84 2.18 -4.47
N GLN A 10 12.13 2.33 -3.37
CA GLN A 10 10.98 1.48 -3.07
C GLN A 10 10.22 2.00 -1.85
N ARG A 11 9.03 2.54 -2.10
CA ARG A 11 8.20 3.07 -1.02
C ARG A 11 6.73 2.71 -1.24
N CYS A 12 5.89 3.12 -0.29
CA CYS A 12 4.46 2.85 -0.38
C CYS A 12 3.84 3.52 -1.59
N ARG A 13 2.84 2.88 -2.18
CA ARG A 13 2.17 3.42 -3.36
C ARG A 13 1.66 4.84 -3.09
N ALA A 14 0.79 4.97 -2.09
CA ALA A 14 0.23 6.26 -1.73
C ALA A 14 1.32 7.34 -1.70
N PRO A 15 0.98 8.54 -2.20
CA PRO A 15 1.90 9.67 -2.25
C PRO A 15 2.21 10.23 -0.86
N ALA A 16 1.23 10.17 0.03
CA ALA A 16 1.39 10.66 1.39
C ALA A 16 1.61 9.51 2.37
N CYS A 17 2.59 8.67 2.08
CA CYS A 17 2.90 7.52 2.93
C CYS A 17 4.39 7.21 2.89
N ASP A 18 5.02 7.20 4.06
CA ASP A 18 6.45 6.90 4.16
C ASP A 18 6.68 5.47 4.60
N HIS A 19 5.71 4.60 4.31
CA HIS A 19 5.81 3.20 4.67
C HIS A 19 6.38 2.37 3.51
N PHE A 20 6.63 1.09 3.78
CA PHE A 20 7.18 0.19 2.76
C PHE A 20 6.08 -0.71 2.19
N GLY A 21 5.77 -0.50 0.92
CA GLY A 21 4.75 -1.31 0.27
C GLY A 21 5.34 -2.31 -0.71
N ASN A 22 4.50 -3.22 -1.20
CA ASN A 22 4.94 -4.24 -2.14
C ASN A 22 3.75 -4.81 -2.92
N ALA A 23 4.03 -5.39 -4.08
CA ALA A 23 2.99 -5.98 -4.90
C ALA A 23 1.95 -6.70 -4.06
N LYS A 24 2.41 -7.35 -2.99
CA LYS A 24 1.52 -8.08 -2.09
C LYS A 24 0.26 -7.27 -1.81
N CYS A 25 0.43 -6.03 -1.38
CA CYS A 25 -0.69 -5.14 -1.07
C CYS A 25 -0.90 -4.13 -2.18
N ASN A 26 -0.93 -4.60 -3.42
CA ASN A 26 -1.13 -3.73 -4.57
C ASN A 26 -0.19 -2.53 -4.51
N GLY A 27 1.07 -2.77 -4.17
CA GLY A 27 2.03 -1.70 -4.08
C GLY A 27 1.95 -0.95 -2.76
N TYR A 28 0.73 -0.72 -2.30
CA TYR A 28 0.51 0.00 -1.05
C TYR A 28 1.01 -0.83 0.15
N CYS A 29 1.02 -0.21 1.32
CA CYS A 29 1.46 -0.88 2.54
C CYS A 29 0.30 -1.56 3.24
N ASN A 30 0.61 -2.34 4.28
CA ASN A 30 -0.42 -3.04 5.04
C ASN A 30 -1.54 -2.08 5.44
N GLU A 31 -1.16 -0.94 6.00
CA GLU A 31 -2.14 0.06 6.43
C GLU A 31 -3.02 0.49 5.27
N CYS A 32 -2.41 1.16 4.30
CA CYS A 32 -3.14 1.64 3.12
C CYS A 32 -4.09 0.56 2.60
N PHE A 33 -3.62 -0.68 2.60
CA PHE A 33 -4.42 -1.79 2.12
C PHE A 33 -5.71 -1.92 2.92
N GLN A 34 -5.58 -2.14 4.22
CA GLN A 34 -6.73 -2.29 5.11
C GLN A 34 -7.73 -1.15 4.88
N PHE A 35 -7.21 0.07 4.78
CA PHE A 35 -8.07 1.24 4.56
C PHE A 35 -8.84 1.11 3.26
N LYS A 36 -8.16 0.69 2.21
CA LYS A 36 -8.78 0.53 0.89
C LYS A 36 -9.95 -0.44 0.98
N GLN A 37 -9.66 -1.70 1.29
CA GLN A 37 -10.68 -2.72 1.40
C GLN A 37 -11.76 -2.32 2.41
N MET A 38 -13.00 -2.69 2.12
CA MET A 38 -14.12 -2.37 2.99
C MET A 38 -15.02 -3.58 3.21
N TYR A 39 -15.80 -3.55 4.28
CA TYR A 39 -16.70 -4.65 4.59
C TYR A 39 -17.53 -5.04 3.37
N GLY A 40 -18.16 -4.04 2.75
CA GLY A 40 -18.98 -4.31 1.58
C GLY A 40 -20.19 -5.17 1.89
N SER A 41 -21.28 -4.52 2.28
CA SER A 41 -22.52 -5.24 2.61
C SER A 41 -23.22 -5.73 1.35
N GLY A 42 -23.63 -6.99 1.36
CA GLY A 42 -24.32 -7.56 0.22
C GLY A 42 -24.74 -9.00 0.45
N PRO A 43 -25.79 -9.18 1.27
CA PRO A 43 -26.31 -10.51 1.59
C PRO A 43 -27.01 -11.16 0.40
N SER A 44 -26.60 -12.38 0.08
CA SER A 44 -27.19 -13.11 -1.04
C SER A 44 -27.23 -14.61 -0.75
N SER A 45 -28.19 -15.30 -1.35
CA SER A 45 -28.34 -16.74 -1.16
C SER A 45 -28.02 -17.50 -2.44
N GLY A 46 -26.84 -18.10 -2.48
CA GLY A 46 -26.43 -18.85 -3.65
C GLY A 46 -26.46 -18.01 -4.92
ZN ZN B . 0.82 3.31 2.85
N GLY A 1 21.12 -4.00 -19.93
CA GLY A 1 21.59 -4.79 -18.81
C GLY A 1 22.96 -4.38 -18.32
N SER A 2 23.08 -3.12 -17.89
CA SER A 2 24.35 -2.60 -17.40
C SER A 2 24.20 -1.99 -16.02
N SER A 3 23.26 -1.04 -15.90
CA SER A 3 23.00 -0.37 -14.63
C SER A 3 22.81 -1.40 -13.51
N GLY A 4 22.78 -0.90 -12.27
CA GLY A 4 22.59 -1.78 -11.13
C GLY A 4 21.18 -1.74 -10.59
N SER A 5 20.93 -0.86 -9.63
CA SER A 5 19.61 -0.74 -9.03
C SER A 5 19.02 0.64 -9.29
N SER A 6 19.19 1.13 -10.52
CA SER A 6 18.67 2.44 -10.89
C SER A 6 17.15 2.45 -10.90
N GLY A 7 16.56 3.48 -10.30
CA GLY A 7 15.12 3.59 -10.24
C GLY A 7 14.63 4.02 -8.87
N PRO A 8 13.33 3.80 -8.61
CA PRO A 8 12.70 4.17 -7.34
C PRO A 8 13.18 3.30 -6.19
N LYS A 9 13.16 3.86 -4.98
CA LYS A 9 13.60 3.13 -3.80
C LYS A 9 12.42 2.43 -3.12
N GLN A 10 12.69 1.28 -2.51
CA GLN A 10 11.65 0.52 -1.83
C GLN A 10 10.86 1.40 -0.88
N ARG A 11 9.61 1.68 -1.24
CA ARG A 11 8.74 2.51 -0.41
C ARG A 11 7.28 2.36 -0.82
N CYS A 12 6.38 2.79 0.06
CA CYS A 12 4.94 2.69 -0.22
C CYS A 12 4.55 3.59 -1.38
N ARG A 13 3.69 3.08 -2.25
CA ARG A 13 3.23 3.83 -3.41
C ARG A 13 2.74 5.23 -3.00
N ALA A 14 1.81 5.26 -2.05
CA ALA A 14 1.26 6.52 -1.57
C ALA A 14 2.35 7.59 -1.46
N PRO A 15 2.01 8.83 -1.84
CA PRO A 15 2.93 9.96 -1.79
C PRO A 15 3.27 10.37 -0.36
N ALA A 16 2.29 10.26 0.53
CA ALA A 16 2.48 10.64 1.93
C ALA A 16 2.44 9.40 2.82
N CYS A 17 3.36 8.47 2.59
CA CYS A 17 3.44 7.25 3.38
C CYS A 17 4.88 6.80 3.55
N ASP A 18 5.29 6.62 4.80
CA ASP A 18 6.66 6.19 5.11
C ASP A 18 6.79 4.68 4.97
N HIS A 19 5.71 3.97 5.24
CA HIS A 19 5.70 2.52 5.16
C HIS A 19 6.33 2.05 3.84
N PHE A 20 6.72 0.78 3.80
CA PHE A 20 7.34 0.21 2.60
C PHE A 20 6.41 -0.80 1.95
N GLY A 21 5.51 -0.32 1.10
CA GLY A 21 4.58 -1.21 0.43
C GLY A 21 5.27 -2.10 -0.59
N ASN A 22 4.61 -3.20 -0.95
CA ASN A 22 5.16 -4.15 -1.91
C ASN A 22 4.13 -4.49 -2.99
N ALA A 23 4.58 -5.17 -4.04
CA ALA A 23 3.70 -5.55 -5.13
C ALA A 23 2.50 -6.33 -4.62
N LYS A 24 2.75 -7.24 -3.68
CA LYS A 24 1.68 -8.06 -3.10
C LYS A 24 0.46 -7.20 -2.80
N CYS A 25 0.67 -6.10 -2.08
CA CYS A 25 -0.43 -5.20 -1.72
C CYS A 25 -0.60 -4.11 -2.78
N ASN A 26 -0.48 -4.51 -4.04
CA ASN A 26 -0.62 -3.56 -5.14
C ASN A 26 0.32 -2.37 -4.98
N GLY A 27 1.53 -2.65 -4.49
CA GLY A 27 2.51 -1.60 -4.29
C GLY A 27 2.35 -0.91 -2.95
N TYR A 28 1.11 -0.64 -2.57
CA TYR A 28 0.83 0.03 -1.30
C TYR A 28 1.22 -0.86 -0.13
N CYS A 29 1.21 -0.28 1.07
CA CYS A 29 1.57 -1.01 2.29
C CYS A 29 0.34 -1.66 2.90
N ASN A 30 0.57 -2.72 3.67
CA ASN A 30 -0.52 -3.45 4.32
C ASN A 30 -1.63 -2.49 4.74
N GLU A 31 -1.26 -1.45 5.49
CA GLU A 31 -2.23 -0.47 5.96
C GLU A 31 -3.02 0.12 4.80
N CYS A 32 -2.32 0.82 3.91
CA CYS A 32 -2.96 1.44 2.75
C CYS A 32 -3.97 0.46 2.11
N PHE A 33 -3.62 -0.81 2.10
CA PHE A 33 -4.48 -1.83 1.52
C PHE A 33 -5.77 -1.97 2.31
N GLN A 34 -5.63 -2.30 3.59
CA GLN A 34 -6.78 -2.46 4.47
C GLN A 34 -7.63 -1.19 4.50
N PHE A 35 -6.99 -0.06 4.24
CA PHE A 35 -7.67 1.23 4.25
C PHE A 35 -8.55 1.38 3.00
N LYS A 36 -8.00 1.00 1.85
CA LYS A 36 -8.72 1.10 0.59
C LYS A 36 -9.96 0.21 0.61
N GLN A 37 -9.79 -1.02 1.09
CA GLN A 37 -10.90 -1.97 1.16
C GLN A 37 -12.15 -1.32 1.74
N MET A 38 -13.31 -1.84 1.37
CA MET A 38 -14.57 -1.31 1.87
C MET A 38 -15.60 -2.42 2.08
N TYR A 39 -16.64 -2.13 2.83
CA TYR A 39 -17.68 -3.11 3.12
C TYR A 39 -19.03 -2.43 3.35
N GLY A 40 -19.98 -2.71 2.47
CA GLY A 40 -21.30 -2.13 2.59
C GLY A 40 -22.26 -2.59 1.51
N SER A 41 -23.05 -3.61 1.83
CA SER A 41 -24.01 -4.16 0.88
C SER A 41 -25.10 -3.14 0.55
N GLY A 42 -25.31 -2.91 -0.75
CA GLY A 42 -26.32 -1.97 -1.17
C GLY A 42 -27.39 -2.61 -2.04
N PRO A 43 -28.63 -2.11 -1.91
CA PRO A 43 -29.77 -2.63 -2.67
C PRO A 43 -29.68 -2.28 -4.16
N SER A 44 -30.35 -3.08 -4.98
CA SER A 44 -30.35 -2.87 -6.42
C SER A 44 -31.38 -1.82 -6.83
N SER A 45 -30.91 -0.67 -7.27
CA SER A 45 -31.80 0.41 -7.69
C SER A 45 -32.07 0.35 -9.18
N GLY A 46 -33.35 0.32 -9.54
CA GLY A 46 -33.74 0.26 -10.94
C GLY A 46 -34.53 1.48 -11.39
ZN ZN B . 1.04 3.18 2.66
N GLY A 1 8.10 3.95 -27.94
CA GLY A 1 7.08 4.67 -27.20
C GLY A 1 6.38 3.79 -26.19
N SER A 2 7.12 3.36 -25.17
CA SER A 2 6.56 2.50 -24.12
C SER A 2 6.85 3.08 -22.74
N SER A 3 5.79 3.23 -21.94
CA SER A 3 5.92 3.77 -20.60
C SER A 3 6.68 2.80 -19.69
N GLY A 4 7.26 3.33 -18.62
CA GLY A 4 8.01 2.51 -17.69
C GLY A 4 9.37 3.08 -17.37
N SER A 5 9.38 4.30 -16.83
CA SER A 5 10.63 4.95 -16.48
C SER A 5 10.61 5.41 -15.01
N SER A 6 9.60 6.20 -14.66
CA SER A 6 9.47 6.70 -13.30
C SER A 6 8.96 5.61 -12.37
N GLY A 7 9.02 5.86 -11.06
CA GLY A 7 8.56 4.89 -10.09
C GLY A 7 9.23 5.07 -8.73
N PRO A 8 8.47 4.78 -7.66
CA PRO A 8 8.98 4.91 -6.30
C PRO A 8 10.03 3.85 -5.96
N LYS A 9 10.99 4.21 -5.12
CA LYS A 9 12.05 3.30 -4.72
C LYS A 9 11.86 2.84 -3.29
N GLN A 10 11.48 1.57 -3.12
CA GLN A 10 11.26 1.01 -1.79
C GLN A 10 10.41 1.96 -0.94
N ARG A 11 9.35 2.48 -1.52
CA ARG A 11 8.46 3.40 -0.82
C ARG A 11 7.01 3.23 -1.29
N CYS A 12 6.07 3.41 -0.36
CA CYS A 12 4.66 3.28 -0.68
C CYS A 12 4.28 4.15 -1.88
N ARG A 13 3.38 3.65 -2.71
CA ARG A 13 2.94 4.38 -3.88
C ARG A 13 2.15 5.63 -3.49
N ALA A 14 1.27 5.48 -2.51
CA ALA A 14 0.45 6.59 -2.04
C ALA A 14 1.31 7.85 -1.83
N PRO A 15 0.75 9.01 -2.16
CA PRO A 15 1.43 10.30 -2.02
C PRO A 15 1.63 10.69 -0.56
N ALA A 16 0.69 10.30 0.29
CA ALA A 16 0.76 10.61 1.72
C ALA A 16 1.14 9.37 2.53
N CYS A 17 2.21 8.71 2.11
CA CYS A 17 2.67 7.51 2.80
C CYS A 17 4.17 7.30 2.58
N ASP A 18 4.95 7.53 3.63
CA ASP A 18 6.40 7.36 3.55
C ASP A 18 6.83 6.05 4.19
N HIS A 19 6.07 4.99 3.92
CA HIS A 19 6.38 3.67 4.48
C HIS A 19 6.84 2.71 3.38
N PHE A 20 7.32 1.55 3.78
CA PHE A 20 7.80 0.54 2.83
C PHE A 20 6.63 -0.31 2.33
N GLY A 21 6.22 -0.07 1.09
CA GLY A 21 5.13 -0.81 0.51
C GLY A 21 5.58 -2.15 -0.05
N ASN A 22 4.62 -2.93 -0.55
CA ASN A 22 4.93 -4.24 -1.13
C ASN A 22 4.11 -4.48 -2.40
N ALA A 23 4.80 -4.87 -3.47
CA ALA A 23 4.14 -5.13 -4.74
C ALA A 23 2.87 -5.96 -4.54
N LYS A 24 2.99 -7.01 -3.71
CA LYS A 24 1.86 -7.88 -3.44
C LYS A 24 0.57 -7.08 -3.29
N CYS A 25 0.60 -6.08 -2.41
CA CYS A 25 -0.56 -5.23 -2.18
C CYS A 25 -0.64 -4.11 -3.20
N ASN A 26 -0.37 -4.45 -4.46
CA ASN A 26 -0.41 -3.48 -5.55
C ASN A 26 0.55 -2.32 -5.28
N GLY A 27 1.68 -2.63 -4.66
CA GLY A 27 2.67 -1.61 -4.35
C GLY A 27 2.43 -0.96 -3.00
N TYR A 28 1.17 -0.64 -2.72
CA TYR A 28 0.81 -0.01 -1.45
C TYR A 28 1.25 -0.87 -0.27
N CYS A 29 1.31 -0.25 0.91
CA CYS A 29 1.71 -0.96 2.12
C CYS A 29 0.50 -1.60 2.80
N ASN A 30 0.77 -2.61 3.62
CA ASN A 30 -0.30 -3.31 4.34
C ASN A 30 -1.27 -2.31 4.97
N GLU A 31 -0.74 -1.21 5.48
CA GLU A 31 -1.56 -0.19 6.10
C GLU A 31 -2.52 0.44 5.09
N CYS A 32 -2.03 0.67 3.88
CA CYS A 32 -2.84 1.26 2.82
C CYS A 32 -3.86 0.26 2.29
N PHE A 33 -3.37 -0.89 1.82
CA PHE A 33 -4.23 -1.93 1.29
C PHE A 33 -5.46 -2.11 2.16
N GLN A 34 -5.26 -2.43 3.42
CA GLN A 34 -6.35 -2.63 4.36
C GLN A 34 -7.39 -1.53 4.22
N PHE A 35 -6.94 -0.28 4.21
CA PHE A 35 -7.83 0.86 4.08
C PHE A 35 -8.56 0.83 2.74
N LYS A 36 -7.79 0.67 1.66
CA LYS A 36 -8.36 0.63 0.32
C LYS A 36 -9.68 -0.12 0.32
N GLN A 37 -9.64 -1.39 0.71
CA GLN A 37 -10.83 -2.22 0.76
C GLN A 37 -12.01 -1.45 1.36
N MET A 38 -13.22 -1.83 0.95
CA MET A 38 -14.43 -1.17 1.46
C MET A 38 -15.08 -2.00 2.57
N TYR A 39 -15.37 -1.35 3.69
CA TYR A 39 -15.99 -2.03 4.83
C TYR A 39 -17.29 -1.35 5.22
N GLY A 40 -17.21 -0.06 5.53
CA GLY A 40 -18.38 0.70 5.91
C GLY A 40 -19.44 0.71 4.83
N SER A 41 -20.66 0.29 5.18
CA SER A 41 -21.77 0.25 4.24
C SER A 41 -22.07 1.64 3.70
N GLY A 42 -22.01 1.79 2.38
CA GLY A 42 -22.29 3.08 1.76
C GLY A 42 -23.73 3.23 1.35
N PRO A 43 -23.99 4.14 0.40
CA PRO A 43 -25.35 4.40 -0.10
C PRO A 43 -25.89 3.24 -0.93
N SER A 44 -27.10 2.79 -0.59
CA SER A 44 -27.73 1.69 -1.29
C SER A 44 -27.49 1.79 -2.80
N SER A 45 -27.50 0.64 -3.48
CA SER A 45 -27.26 0.61 -4.92
C SER A 45 -28.09 -0.51 -5.56
N GLY A 46 -28.62 -0.23 -6.75
CA GLY A 46 -29.42 -1.22 -7.46
C GLY A 46 -30.90 -0.94 -7.35
ZN ZN B . 0.98 3.10 2.37
N GLY A 1 11.65 5.27 -15.06
CA GLY A 1 10.42 5.16 -14.30
C GLY A 1 10.63 4.47 -12.97
N SER A 2 10.78 3.15 -13.00
CA SER A 2 10.98 2.38 -11.78
C SER A 2 11.66 1.04 -12.08
N SER A 3 12.27 0.45 -11.06
CA SER A 3 12.96 -0.82 -11.22
C SER A 3 13.09 -1.54 -9.88
N GLY A 4 12.67 -2.80 -9.86
CA GLY A 4 12.75 -3.58 -8.64
C GLY A 4 13.49 -4.90 -8.84
N SER A 5 14.62 -4.83 -9.53
CA SER A 5 15.42 -6.02 -9.79
C SER A 5 16.57 -6.13 -8.79
N SER A 6 17.22 -5.00 -8.53
CA SER A 6 18.35 -4.97 -7.61
C SER A 6 18.01 -4.13 -6.38
N GLY A 7 17.50 -4.78 -5.34
CA GLY A 7 17.14 -4.08 -4.12
C GLY A 7 15.93 -3.19 -4.29
N PRO A 8 14.73 -3.79 -4.18
CA PRO A 8 13.46 -3.06 -4.33
C PRO A 8 13.21 -2.11 -3.16
N LYS A 9 13.65 -0.87 -3.32
CA LYS A 9 13.46 0.15 -2.29
C LYS A 9 12.61 1.30 -2.81
N GLN A 10 11.32 1.25 -2.53
CA GLN A 10 10.39 2.29 -2.97
C GLN A 10 9.33 2.56 -1.91
N ARG A 11 9.38 3.74 -1.32
CA ARG A 11 8.43 4.12 -0.28
C ARG A 11 7.01 3.73 -0.68
N CYS A 12 6.10 3.70 0.29
CA CYS A 12 4.71 3.34 0.05
C CYS A 12 4.18 4.04 -1.20
N ARG A 13 3.45 3.31 -2.02
CA ARG A 13 2.88 3.86 -3.25
C ARG A 13 2.33 5.26 -3.01
N ALA A 14 1.43 5.38 -2.04
CA ALA A 14 0.83 6.67 -1.71
C ALA A 14 1.89 7.71 -1.40
N PRO A 15 1.69 8.93 -1.91
CA PRO A 15 2.62 10.05 -1.70
C PRO A 15 2.64 10.54 -0.26
N ALA A 16 1.50 10.39 0.42
CA ALA A 16 1.39 10.82 1.81
C ALA A 16 1.49 9.64 2.76
N CYS A 17 2.47 8.77 2.51
CA CYS A 17 2.68 7.59 3.34
C CYS A 17 4.17 7.22 3.38
N ASP A 18 4.77 7.37 4.56
CA ASP A 18 6.17 7.05 4.74
C ASP A 18 6.38 5.55 4.81
N HIS A 19 5.43 4.85 5.41
CA HIS A 19 5.51 3.39 5.55
C HIS A 19 6.05 2.77 4.27
N PHE A 20 6.52 1.52 4.38
CA PHE A 20 7.07 0.81 3.23
C PHE A 20 5.98 0.01 2.52
N GLY A 21 5.87 0.21 1.21
CA GLY A 21 4.87 -0.51 0.43
C GLY A 21 5.31 -1.90 0.06
N ASN A 22 4.44 -2.63 -0.64
CA ASN A 22 4.75 -3.99 -1.05
C ASN A 22 3.84 -4.42 -2.21
N ALA A 23 4.36 -5.31 -3.05
CA ALA A 23 3.60 -5.82 -4.19
C ALA A 23 2.36 -6.57 -3.74
N LYS A 24 2.55 -7.55 -2.87
CA LYS A 24 1.45 -8.36 -2.35
C LYS A 24 0.24 -7.47 -2.03
N CYS A 25 0.51 -6.21 -1.74
CA CYS A 25 -0.57 -5.27 -1.41
C CYS A 25 -0.70 -4.20 -2.50
N ASN A 26 -0.58 -4.62 -3.75
CA ASN A 26 -0.68 -3.70 -4.88
C ASN A 26 0.28 -2.54 -4.72
N GLY A 27 1.45 -2.83 -4.15
CA GLY A 27 2.45 -1.79 -3.95
C GLY A 27 2.26 -1.05 -2.64
N TYR A 28 1.02 -0.68 -2.36
CA TYR A 28 0.71 0.05 -1.14
C TYR A 28 1.09 -0.77 0.10
N CYS A 29 1.13 -0.11 1.25
CA CYS A 29 1.48 -0.76 2.50
C CYS A 29 0.24 -1.35 3.18
N ASN A 30 0.46 -2.39 3.98
CA ASN A 30 -0.64 -3.05 4.68
C ASN A 30 -1.70 -2.04 5.10
N GLU A 31 -1.26 -0.96 5.75
CA GLU A 31 -2.17 0.08 6.21
C GLU A 31 -3.06 0.58 5.07
N CYS A 32 -2.43 1.18 4.07
CA CYS A 32 -3.16 1.70 2.91
C CYS A 32 -4.08 0.64 2.34
N PHE A 33 -3.53 -0.50 1.97
CA PHE A 33 -4.31 -1.60 1.41
C PHE A 33 -5.53 -1.90 2.27
N GLN A 34 -5.29 -2.31 3.51
CA GLN A 34 -6.38 -2.63 4.43
C GLN A 34 -7.52 -1.62 4.29
N PHE A 35 -7.18 -0.35 4.35
CA PHE A 35 -8.18 0.71 4.23
C PHE A 35 -8.84 0.68 2.85
N LYS A 36 -8.03 0.85 1.81
CA LYS A 36 -8.54 0.85 0.45
C LYS A 36 -9.68 -0.16 0.29
N GLN A 37 -9.48 -1.36 0.83
CA GLN A 37 -10.49 -2.41 0.74
C GLN A 37 -11.89 -1.83 0.88
N MET A 38 -12.12 -1.10 1.96
CA MET A 38 -13.42 -0.48 2.21
C MET A 38 -13.79 0.49 1.08
N TYR A 39 -15.08 0.66 0.86
CA TYR A 39 -15.56 1.56 -0.18
C TYR A 39 -15.47 3.01 0.27
N GLY A 40 -15.97 3.29 1.47
CA GLY A 40 -15.94 4.64 2.00
C GLY A 40 -17.15 4.96 2.83
N SER A 41 -18.33 4.58 2.35
CA SER A 41 -19.58 4.84 3.05
C SER A 41 -19.73 6.33 3.35
N GLY A 42 -19.45 7.15 2.36
CA GLY A 42 -19.57 8.59 2.53
C GLY A 42 -18.28 9.32 2.19
N PRO A 43 -18.39 10.63 1.89
CA PRO A 43 -17.24 11.46 1.55
C PRO A 43 -16.34 11.71 2.74
N SER A 44 -16.90 11.62 3.95
CA SER A 44 -16.13 11.84 5.17
C SER A 44 -16.80 11.14 6.36
N SER A 45 -16.05 10.25 7.00
CA SER A 45 -16.56 9.51 8.14
C SER A 45 -17.51 10.38 8.97
N GLY A 46 -18.77 9.97 9.03
CA GLY A 46 -19.76 10.72 9.79
C GLY A 46 -19.22 11.19 11.13
ZN ZN B . 0.71 3.38 2.79
N GLY A 1 16.21 -13.60 -9.34
CA GLY A 1 16.62 -12.21 -9.36
C GLY A 1 15.97 -11.43 -10.49
N SER A 2 16.01 -10.11 -10.40
CA SER A 2 15.42 -9.25 -11.41
C SER A 2 16.42 -8.94 -12.53
N SER A 3 15.92 -8.86 -13.75
CA SER A 3 16.77 -8.58 -14.90
C SER A 3 17.74 -7.44 -14.59
N GLY A 4 17.22 -6.38 -13.98
CA GLY A 4 18.06 -5.24 -13.64
C GLY A 4 17.42 -4.35 -12.59
N SER A 5 18.22 -3.48 -11.99
CA SER A 5 17.73 -2.56 -10.97
C SER A 5 17.41 -1.20 -11.56
N SER A 6 16.13 -0.83 -11.55
CA SER A 6 15.69 0.45 -12.08
C SER A 6 14.83 1.21 -11.08
N GLY A 7 13.88 0.50 -10.48
CA GLY A 7 13.01 1.13 -9.50
C GLY A 7 13.02 0.39 -8.17
N PRO A 8 14.16 0.46 -7.46
CA PRO A 8 14.33 -0.19 -6.16
C PRO A 8 13.50 0.48 -5.07
N LYS A 9 12.87 1.60 -5.41
CA LYS A 9 12.05 2.34 -4.46
C LYS A 9 11.17 1.38 -3.66
N GLN A 10 11.66 1.00 -2.47
CA GLN A 10 10.92 0.09 -1.61
C GLN A 10 10.00 0.87 -0.66
N ARG A 11 9.32 1.87 -1.21
CA ARG A 11 8.41 2.69 -0.41
C ARG A 11 6.99 2.60 -0.95
N CYS A 12 6.02 2.91 -0.10
CA CYS A 12 4.61 2.87 -0.49
C CYS A 12 4.36 3.75 -1.70
N ARG A 13 3.54 3.26 -2.63
CA ARG A 13 3.21 4.01 -3.83
C ARG A 13 2.06 4.98 -3.57
N ALA A 14 2.11 5.64 -2.41
CA ALA A 14 1.08 6.60 -2.04
C ALA A 14 1.70 7.95 -1.70
N PRO A 15 1.00 9.04 -2.08
CA PRO A 15 1.46 10.41 -1.83
C PRO A 15 1.40 10.77 -0.35
N ALA A 16 0.62 10.00 0.42
CA ALA A 16 0.49 10.25 1.84
C ALA A 16 0.89 9.01 2.65
N CYS A 17 2.01 8.42 2.29
CA CYS A 17 2.51 7.23 2.97
C CYS A 17 4.01 7.08 2.79
N ASP A 18 4.73 6.94 3.90
CA ASP A 18 6.19 6.78 3.86
C ASP A 18 6.60 5.45 4.46
N HIS A 19 5.83 4.40 4.17
CA HIS A 19 6.12 3.07 4.69
C HIS A 19 6.70 2.18 3.59
N PHE A 20 7.05 0.95 3.96
CA PHE A 20 7.60 -0.01 3.00
C PHE A 20 6.50 -0.82 2.34
N GLY A 21 6.07 -0.37 1.17
CA GLY A 21 5.02 -1.07 0.44
C GLY A 21 5.52 -2.32 -0.24
N ASN A 22 4.61 -3.24 -0.53
CA ASN A 22 4.97 -4.50 -1.19
C ASN A 22 4.03 -4.80 -2.35
N ALA A 23 4.59 -5.14 -3.50
CA ALA A 23 3.81 -5.46 -4.68
C ALA A 23 2.59 -6.29 -4.32
N LYS A 24 2.81 -7.31 -3.49
CA LYS A 24 1.72 -8.20 -3.07
C LYS A 24 0.45 -7.40 -2.78
N CYS A 25 0.57 -6.37 -1.95
CA CYS A 25 -0.57 -5.53 -1.59
C CYS A 25 -0.78 -4.44 -2.64
N ASN A 26 -0.67 -4.82 -3.91
CA ASN A 26 -0.85 -3.87 -5.00
C ASN A 26 0.09 -2.68 -4.87
N GLY A 27 1.32 -2.96 -4.45
CA GLY A 27 2.30 -1.91 -4.28
C GLY A 27 2.17 -1.20 -2.95
N TYR A 28 0.94 -0.90 -2.56
CA TYR A 28 0.68 -0.22 -1.30
C TYR A 28 0.98 -1.13 -0.12
N CYS A 29 1.19 -0.53 1.06
CA CYS A 29 1.48 -1.29 2.27
C CYS A 29 0.21 -1.88 2.86
N ASN A 30 0.39 -2.87 3.73
CA ASN A 30 -0.75 -3.53 4.37
C ASN A 30 -1.71 -2.51 4.95
N GLU A 31 -1.16 -1.47 5.57
CA GLU A 31 -1.97 -0.42 6.18
C GLU A 31 -2.88 0.24 5.14
N CYS A 32 -2.30 0.58 3.99
CA CYS A 32 -3.05 1.22 2.92
C CYS A 32 -4.06 0.24 2.32
N PHE A 33 -3.61 -0.97 2.03
CA PHE A 33 -4.48 -1.99 1.45
C PHE A 33 -5.60 -2.37 2.43
N GLN A 34 -5.33 -2.20 3.72
CA GLN A 34 -6.31 -2.53 4.75
C GLN A 34 -7.33 -1.41 4.90
N PHE A 35 -6.89 -0.17 4.70
CA PHE A 35 -7.77 0.98 4.81
C PHE A 35 -8.61 1.15 3.55
N LYS A 36 -7.95 1.09 2.39
CA LYS A 36 -8.63 1.23 1.11
C LYS A 36 -9.97 0.51 1.13
N GLN A 37 -10.07 -0.56 1.93
CA GLN A 37 -11.30 -1.33 2.03
C GLN A 37 -12.50 -0.42 2.26
N MET A 38 -13.63 -0.79 1.68
CA MET A 38 -14.85 0.00 1.82
C MET A 38 -15.77 -0.60 2.88
N TYR A 39 -15.17 -1.09 3.97
CA TYR A 39 -15.93 -1.69 5.05
C TYR A 39 -15.19 -1.58 6.37
N GLY A 40 -15.84 -0.98 7.36
CA GLY A 40 -15.22 -0.82 8.67
C GLY A 40 -15.70 0.43 9.39
N SER A 41 -16.98 0.45 9.75
CA SER A 41 -17.55 1.59 10.44
C SER A 41 -17.35 1.48 11.95
N GLY A 42 -16.25 2.07 12.44
CA GLY A 42 -15.95 2.02 13.85
C GLY A 42 -15.21 0.75 14.25
N PRO A 43 -14.77 0.70 15.52
CA PRO A 43 -14.04 -0.46 16.05
C PRO A 43 -14.93 -1.69 16.19
N SER A 44 -14.39 -2.85 15.83
CA SER A 44 -15.14 -4.10 15.92
C SER A 44 -15.37 -4.50 17.37
N SER A 45 -16.60 -4.31 17.84
CA SER A 45 -16.96 -4.64 19.21
C SER A 45 -16.27 -5.94 19.65
N GLY A 46 -16.39 -6.97 18.82
CA GLY A 46 -15.78 -8.25 19.14
C GLY A 46 -14.35 -8.11 19.62
ZN ZN B . 0.87 2.78 2.50
N GLY A 1 7.30 1.76 -17.68
CA GLY A 1 6.67 0.58 -18.27
C GLY A 1 6.86 0.51 -19.76
N SER A 2 6.62 1.62 -20.45
CA SER A 2 6.76 1.67 -21.90
C SER A 2 8.22 1.86 -22.30
N SER A 3 8.87 2.85 -21.69
CA SER A 3 10.27 3.14 -21.98
C SER A 3 11.05 3.40 -20.70
N GLY A 4 12.32 3.03 -20.70
CA GLY A 4 13.16 3.23 -19.53
C GLY A 4 12.65 2.48 -18.32
N SER A 5 13.40 1.45 -17.90
CA SER A 5 13.01 0.65 -16.75
C SER A 5 13.77 1.09 -15.50
N SER A 6 13.03 1.49 -14.47
CA SER A 6 13.64 1.93 -13.22
C SER A 6 12.98 1.25 -12.02
N GLY A 7 11.66 1.21 -12.03
CA GLY A 7 10.92 0.59 -10.94
C GLY A 7 10.69 1.53 -9.79
N PRO A 8 9.59 1.32 -9.06
CA PRO A 8 9.22 2.16 -7.91
C PRO A 8 10.15 1.94 -6.72
N LYS A 9 10.64 3.05 -6.15
CA LYS A 9 11.54 2.99 -5.00
C LYS A 9 10.96 2.11 -3.91
N GLN A 10 11.74 1.93 -2.84
CA GLN A 10 11.30 1.10 -1.71
C GLN A 10 10.38 1.90 -0.79
N ARG A 11 9.39 2.56 -1.37
CA ARG A 11 8.44 3.36 -0.60
C ARG A 11 7.01 3.03 -0.99
N CYS A 12 6.06 3.55 -0.23
CA CYS A 12 4.64 3.32 -0.51
C CYS A 12 4.18 4.10 -1.72
N ARG A 13 3.16 3.57 -2.40
CA ARG A 13 2.63 4.22 -3.60
C ARG A 13 1.89 5.51 -3.24
N ALA A 14 1.08 5.44 -2.17
CA ALA A 14 0.32 6.59 -1.72
C ALA A 14 1.22 7.81 -1.53
N PRO A 15 0.70 8.99 -1.88
CA PRO A 15 1.43 10.25 -1.76
C PRO A 15 1.65 10.66 -0.31
N ALA A 16 0.70 10.29 0.55
CA ALA A 16 0.79 10.63 1.97
C ALA A 16 1.08 9.38 2.80
N CYS A 17 2.21 8.73 2.52
CA CYS A 17 2.61 7.53 3.24
C CYS A 17 4.12 7.35 3.22
N ASP A 18 4.74 7.39 4.39
CA ASP A 18 6.18 7.24 4.51
C ASP A 18 6.54 5.83 4.98
N HIS A 19 5.86 4.83 4.42
CA HIS A 19 6.11 3.44 4.79
C HIS A 19 6.59 2.64 3.59
N PHE A 20 7.05 1.42 3.84
CA PHE A 20 7.53 0.55 2.79
C PHE A 20 6.42 -0.34 2.25
N GLY A 21 6.03 -0.12 1.00
CA GLY A 21 4.97 -0.90 0.40
C GLY A 21 5.49 -2.21 -0.18
N ASN A 22 4.57 -3.11 -0.52
CA ASN A 22 4.93 -4.40 -1.09
C ASN A 22 4.06 -4.73 -2.30
N ALA A 23 4.72 -5.07 -3.40
CA ALA A 23 4.02 -5.42 -4.64
C ALA A 23 2.78 -6.25 -4.34
N LYS A 24 2.93 -7.24 -3.47
CA LYS A 24 1.81 -8.11 -3.10
C LYS A 24 0.53 -7.31 -2.90
N CYS A 25 0.63 -6.23 -2.13
CA CYS A 25 -0.52 -5.38 -1.86
C CYS A 25 -0.64 -4.27 -2.91
N ASN A 26 -0.40 -4.62 -4.17
CA ASN A 26 -0.47 -3.67 -5.26
C ASN A 26 0.42 -2.46 -4.98
N GLY A 27 1.61 -2.73 -4.45
CA GLY A 27 2.54 -1.65 -4.15
C GLY A 27 2.21 -0.96 -2.84
N TYR A 28 0.93 -0.73 -2.58
CA TYR A 28 0.50 -0.08 -1.36
C TYR A 28 0.79 -0.93 -0.14
N CYS A 29 1.21 -0.29 0.94
CA CYS A 29 1.53 -1.00 2.18
C CYS A 29 0.28 -1.60 2.80
N ASN A 30 0.47 -2.34 3.89
CA ASN A 30 -0.66 -2.98 4.58
C ASN A 30 -1.67 -1.93 5.06
N GLU A 31 -1.16 -0.90 5.74
CA GLU A 31 -2.02 0.16 6.25
C GLU A 31 -2.95 0.68 5.16
N CYS A 32 -2.38 0.95 3.98
CA CYS A 32 -3.16 1.46 2.87
C CYS A 32 -4.11 0.39 2.33
N PHE A 33 -3.54 -0.74 1.91
CA PHE A 33 -4.33 -1.84 1.38
C PHE A 33 -5.55 -2.11 2.25
N GLN A 34 -5.32 -2.25 3.56
CA GLN A 34 -6.39 -2.52 4.50
C GLN A 34 -7.37 -1.34 4.55
N PHE A 35 -6.87 -0.18 4.95
CA PHE A 35 -7.70 1.01 5.04
C PHE A 35 -8.62 1.13 3.83
N LYS A 36 -8.07 0.91 2.64
CA LYS A 36 -8.84 0.99 1.41
C LYS A 36 -10.24 0.43 1.61
N GLN A 37 -10.32 -0.72 2.27
CA GLN A 37 -11.61 -1.37 2.52
C GLN A 37 -12.52 -0.45 3.34
N MET A 38 -13.82 -0.53 3.06
CA MET A 38 -14.80 0.30 3.77
C MET A 38 -15.63 -0.56 4.73
N TYR A 39 -15.85 -0.05 5.93
CA TYR A 39 -16.64 -0.76 6.94
C TYR A 39 -17.95 -0.05 7.22
N GLY A 40 -19.03 -0.59 6.67
CA GLY A 40 -20.34 0.01 6.88
C GLY A 40 -20.31 1.52 6.76
N SER A 41 -19.68 2.02 5.69
CA SER A 41 -19.58 3.46 5.46
C SER A 41 -19.12 3.75 4.04
N GLY A 42 -19.67 4.80 3.45
CA GLY A 42 -19.31 5.17 2.10
C GLY A 42 -19.76 4.14 1.08
N PRO A 43 -20.09 4.62 -0.13
CA PRO A 43 -20.54 3.74 -1.23
C PRO A 43 -19.42 2.86 -1.76
N SER A 44 -19.79 1.69 -2.28
CA SER A 44 -18.82 0.75 -2.82
C SER A 44 -18.81 0.81 -4.36
N SER A 45 -17.62 0.71 -4.93
CA SER A 45 -17.47 0.76 -6.38
C SER A 45 -16.23 0.00 -6.82
N GLY A 46 -16.44 -1.11 -7.54
CA GLY A 46 -15.33 -1.91 -8.01
C GLY A 46 -14.27 -1.08 -8.72
ZN ZN B . 0.87 3.15 2.54
N GLY A 1 21.62 -11.73 11.10
CA GLY A 1 21.20 -10.54 10.37
C GLY A 1 19.69 -10.42 10.29
N SER A 2 19.09 -11.14 9.35
CA SER A 2 17.64 -11.11 9.16
C SER A 2 17.12 -9.68 9.29
N SER A 3 17.85 -8.72 8.72
CA SER A 3 17.46 -7.32 8.77
C SER A 3 17.52 -6.69 7.38
N GLY A 4 18.69 -6.77 6.76
CA GLY A 4 18.87 -6.19 5.44
C GLY A 4 19.02 -4.69 5.48
N SER A 5 20.26 -4.22 5.59
CA SER A 5 20.54 -2.79 5.64
C SER A 5 20.06 -2.10 4.37
N SER A 6 20.47 -2.64 3.23
CA SER A 6 20.09 -2.09 1.93
C SER A 6 18.58 -2.19 1.72
N GLY A 7 18.00 -1.14 1.13
CA GLY A 7 16.58 -1.14 0.87
C GLY A 7 16.25 -1.11 -0.61
N PRO A 8 15.13 -1.73 -0.99
CA PRO A 8 14.68 -1.80 -2.38
C PRO A 8 14.22 -0.44 -2.91
N LYS A 9 14.15 0.54 -2.00
CA LYS A 9 13.72 1.89 -2.37
C LYS A 9 12.34 1.85 -3.02
N GLN A 10 11.45 1.03 -2.46
CA GLN A 10 10.10 0.92 -2.98
C GLN A 10 9.08 1.49 -1.99
N ARG A 11 9.44 2.61 -1.37
CA ARG A 11 8.57 3.26 -0.40
C ARG A 11 7.10 3.09 -0.80
N CYS A 12 6.23 2.96 0.21
CA CYS A 12 4.81 2.79 -0.04
C CYS A 12 4.35 3.67 -1.20
N ARG A 13 3.64 3.07 -2.15
CA ARG A 13 3.15 3.79 -3.32
C ARG A 13 2.75 5.22 -2.94
N ALA A 14 2.13 5.37 -1.78
CA ALA A 14 1.70 6.68 -1.31
C ALA A 14 2.88 7.64 -1.19
N PRO A 15 2.69 8.88 -1.64
CA PRO A 15 3.73 9.91 -1.60
C PRO A 15 4.02 10.37 -0.18
N ALA A 16 3.25 9.87 0.78
CA ALA A 16 3.43 10.23 2.18
C ALA A 16 3.85 9.02 3.01
N CYS A 17 2.97 8.03 3.09
CA CYS A 17 3.25 6.81 3.84
C CYS A 17 4.73 6.43 3.75
N ASP A 18 5.40 6.38 4.89
CA ASP A 18 6.82 6.03 4.92
C ASP A 18 7.00 4.52 4.85
N HIS A 19 6.00 3.78 5.31
CA HIS A 19 6.04 2.32 5.30
C HIS A 19 6.51 1.80 3.94
N PHE A 20 6.90 0.54 3.90
CA PHE A 20 7.37 -0.07 2.66
C PHE A 20 6.29 -0.96 2.05
N GLY A 21 5.96 -0.70 0.79
CA GLY A 21 4.94 -1.47 0.11
C GLY A 21 5.52 -2.60 -0.72
N ASN A 22 4.66 -3.36 -1.38
CA ASN A 22 5.10 -4.47 -2.22
C ASN A 22 4.01 -4.87 -3.21
N ALA A 23 4.42 -5.38 -4.36
CA ALA A 23 3.48 -5.81 -5.40
C ALA A 23 2.27 -6.50 -4.78
N LYS A 24 2.51 -7.38 -3.82
CA LYS A 24 1.44 -8.11 -3.16
C LYS A 24 0.32 -7.16 -2.75
N CYS A 25 0.68 -6.05 -2.12
CA CYS A 25 -0.30 -5.06 -1.68
C CYS A 25 -0.52 -4.00 -2.75
N ASN A 26 -0.62 -4.43 -4.01
CA ASN A 26 -0.83 -3.51 -5.12
C ASN A 26 0.11 -2.31 -5.01
N GLY A 27 1.35 -2.57 -4.62
CA GLY A 27 2.32 -1.50 -4.48
C GLY A 27 2.33 -0.90 -3.10
N TYR A 28 1.15 -0.62 -2.56
CA TYR A 28 1.02 -0.02 -1.24
C TYR A 28 1.46 -1.01 -0.16
N CYS A 29 1.45 -0.57 1.09
CA CYS A 29 1.85 -1.41 2.20
C CYS A 29 0.63 -2.10 2.82
N ASN A 30 0.89 -2.97 3.79
CA ASN A 30 -0.18 -3.70 4.46
C ASN A 30 -1.20 -2.74 5.06
N GLU A 31 -0.71 -1.63 5.62
CA GLU A 31 -1.58 -0.64 6.24
C GLU A 31 -2.52 -0.04 5.20
N CYS A 32 -1.98 0.76 4.30
CA CYS A 32 -2.78 1.40 3.26
C CYS A 32 -3.68 0.38 2.56
N PHE A 33 -3.10 -0.77 2.19
CA PHE A 33 -3.84 -1.82 1.52
C PHE A 33 -5.21 -2.02 2.17
N GLN A 34 -5.20 -2.18 3.49
CA GLN A 34 -6.45 -2.39 4.23
C GLN A 34 -7.35 -1.16 4.15
N PHE A 35 -6.80 -0.01 4.53
CA PHE A 35 -7.56 1.24 4.49
C PHE A 35 -8.29 1.39 3.16
N LYS A 36 -7.65 0.95 2.08
CA LYS A 36 -8.23 1.04 0.75
C LYS A 36 -9.53 0.25 0.67
N GLN A 37 -9.47 -1.03 1.03
CA GLN A 37 -10.65 -1.88 1.00
C GLN A 37 -11.58 -1.57 2.17
N MET A 38 -12.79 -1.16 1.86
CA MET A 38 -13.79 -0.83 2.89
C MET A 38 -14.14 -2.05 3.71
N TYR A 39 -14.37 -1.85 4.99
CA TYR A 39 -14.72 -2.94 5.90
C TYR A 39 -16.22 -2.97 6.17
N GLY A 40 -16.82 -1.80 6.29
CA GLY A 40 -18.25 -1.71 6.54
C GLY A 40 -19.08 -2.13 5.35
N SER A 41 -20.20 -2.79 5.60
CA SER A 41 -21.07 -3.24 4.53
C SER A 41 -22.16 -2.22 4.24
N GLY A 42 -22.77 -2.32 3.06
CA GLY A 42 -23.82 -1.39 2.69
C GLY A 42 -25.01 -1.45 3.63
N PRO A 43 -26.19 -1.06 3.12
CA PRO A 43 -27.42 -1.05 3.91
C PRO A 43 -27.92 -2.46 4.23
N SER A 44 -28.09 -2.75 5.52
CA SER A 44 -28.56 -4.06 5.95
C SER A 44 -29.98 -3.99 6.49
N SER A 45 -30.92 -4.56 5.74
CA SER A 45 -32.32 -4.56 6.15
C SER A 45 -32.66 -5.81 6.95
N GLY A 46 -31.74 -6.20 7.84
CA GLY A 46 -31.96 -7.37 8.66
C GLY A 46 -33.31 -7.35 9.35
ZN ZN B . 1.23 2.66 3.13
N GLY A 1 29.09 -13.23 2.47
CA GLY A 1 28.21 -12.08 2.40
C GLY A 1 28.39 -11.29 1.12
N SER A 2 27.89 -11.84 0.02
CA SER A 2 27.99 -11.18 -1.28
C SER A 2 27.14 -9.92 -1.33
N SER A 3 25.91 -10.03 -0.84
CA SER A 3 24.98 -8.91 -0.83
C SER A 3 25.40 -7.88 0.20
N GLY A 4 24.83 -6.68 0.11
CA GLY A 4 25.15 -5.62 1.04
C GLY A 4 24.26 -4.40 0.87
N SER A 5 22.95 -4.60 1.00
CA SER A 5 22.00 -3.52 0.86
C SER A 5 20.61 -3.94 1.36
N SER A 6 20.05 -3.13 2.26
CA SER A 6 18.74 -3.43 2.82
C SER A 6 17.73 -2.34 2.46
N GLY A 7 16.76 -2.69 1.63
CA GLY A 7 15.74 -1.73 1.22
C GLY A 7 16.32 -0.61 0.38
N PRO A 8 16.47 -0.85 -0.93
CA PRO A 8 17.02 0.13 -1.86
C PRO A 8 16.07 1.30 -2.09
N LYS A 9 16.13 2.30 -1.22
CA LYS A 9 15.28 3.47 -1.34
C LYS A 9 13.83 3.07 -1.61
N GLN A 10 13.38 2.02 -0.92
CA GLN A 10 12.02 1.54 -1.10
C GLN A 10 11.05 2.30 -0.19
N ARG A 11 9.80 2.42 -0.64
CA ARG A 11 8.78 3.13 0.12
C ARG A 11 7.39 2.81 -0.41
N CYS A 12 6.38 3.05 0.42
CA CYS A 12 4.99 2.79 0.03
C CYS A 12 4.58 3.68 -1.15
N ARG A 13 3.81 3.11 -2.07
CA ARG A 13 3.35 3.85 -3.24
C ARG A 13 2.83 5.23 -2.84
N ALA A 14 1.97 5.27 -1.84
CA ALA A 14 1.39 6.52 -1.36
C ALA A 14 2.47 7.59 -1.22
N PRO A 15 2.12 8.83 -1.61
CA PRO A 15 3.05 9.96 -1.54
C PRO A 15 3.33 10.40 -0.10
N ALA A 16 2.35 10.22 0.77
CA ALA A 16 2.49 10.58 2.17
C ALA A 16 2.46 9.35 3.07
N CYS A 17 3.35 8.40 2.79
CA CYS A 17 3.43 7.17 3.56
C CYS A 17 4.87 6.72 3.72
N ASP A 18 5.35 6.70 4.96
CA ASP A 18 6.72 6.28 5.24
C ASP A 18 6.78 4.79 5.54
N HIS A 19 6.08 4.00 4.74
CA HIS A 19 6.05 2.56 4.92
C HIS A 19 6.70 1.85 3.73
N PHE A 20 6.78 0.52 3.81
CA PHE A 20 7.38 -0.27 2.74
C PHE A 20 6.31 -1.05 1.99
N GLY A 21 5.80 -0.47 0.90
CA GLY A 21 4.78 -1.13 0.11
C GLY A 21 5.36 -2.15 -0.86
N ASN A 22 4.56 -3.14 -1.21
CA ASN A 22 5.00 -4.19 -2.13
C ASN A 22 3.90 -4.55 -3.13
N ALA A 23 4.27 -5.27 -4.18
CA ALA A 23 3.31 -5.68 -5.19
C ALA A 23 2.13 -6.43 -4.57
N LYS A 24 2.42 -7.19 -3.52
CA LYS A 24 1.39 -7.96 -2.83
C LYS A 24 0.10 -7.15 -2.70
N CYS A 25 0.22 -5.91 -2.24
CA CYS A 25 -0.93 -5.04 -2.08
C CYS A 25 -0.88 -3.88 -3.07
N ASN A 26 -1.08 -4.19 -4.34
CA ASN A 26 -1.05 -3.17 -5.39
C ASN A 26 0.05 -2.14 -5.12
N GLY A 27 1.20 -2.62 -4.68
CA GLY A 27 2.32 -1.73 -4.40
C GLY A 27 2.21 -1.10 -3.02
N TYR A 28 1.02 -0.67 -2.65
CA TYR A 28 0.79 -0.04 -1.36
C TYR A 28 1.12 -1.01 -0.22
N CYS A 29 1.21 -0.47 1.00
CA CYS A 29 1.51 -1.29 2.17
C CYS A 29 0.24 -1.87 2.78
N ASN A 30 0.41 -2.71 3.79
CA ASN A 30 -0.73 -3.33 4.46
C ASN A 30 -1.69 -2.28 5.00
N GLU A 31 -1.13 -1.24 5.61
CA GLU A 31 -1.93 -0.16 6.17
C GLU A 31 -2.84 0.47 5.11
N CYS A 32 -2.21 0.99 4.06
CA CYS A 32 -2.95 1.62 2.97
C CYS A 32 -3.99 0.66 2.39
N PHE A 33 -3.57 -0.57 2.13
CA PHE A 33 -4.47 -1.57 1.59
C PHE A 33 -5.69 -1.77 2.49
N GLN A 34 -5.43 -2.08 3.76
CA GLN A 34 -6.50 -2.29 4.72
C GLN A 34 -7.52 -1.16 4.66
N PHE A 35 -7.03 0.08 4.61
CA PHE A 35 -7.89 1.24 4.55
C PHE A 35 -8.68 1.27 3.24
N LYS A 36 -7.97 1.12 2.13
CA LYS A 36 -8.61 1.13 0.81
C LYS A 36 -9.91 0.32 0.83
N GLN A 37 -9.78 -0.97 1.13
CA GLN A 37 -10.94 -1.86 1.18
C GLN A 37 -12.17 -1.12 1.72
N MET A 38 -12.01 -0.50 2.88
CA MET A 38 -13.10 0.24 3.51
C MET A 38 -13.83 1.10 2.48
N TYR A 39 -15.16 1.02 2.48
CA TYR A 39 -15.97 1.80 1.55
C TYR A 39 -16.91 2.74 2.30
N GLY A 40 -17.05 3.95 1.78
CA GLY A 40 -17.92 4.93 2.41
C GLY A 40 -19.18 4.32 2.96
N SER A 41 -19.58 4.75 4.16
CA SER A 41 -20.77 4.23 4.81
C SER A 41 -22.02 4.58 4.00
N GLY A 42 -22.98 3.66 3.96
CA GLY A 42 -24.20 3.89 3.23
C GLY A 42 -25.41 3.28 3.91
N PRO A 43 -26.48 3.04 3.14
CA PRO A 43 -27.73 2.45 3.66
C PRO A 43 -27.55 0.99 4.04
N SER A 44 -27.24 0.74 5.31
CA SER A 44 -27.05 -0.62 5.80
C SER A 44 -28.09 -0.97 6.86
N SER A 45 -28.43 -2.24 6.95
CA SER A 45 -29.42 -2.72 7.91
C SER A 45 -28.88 -2.64 9.33
N GLY A 46 -27.67 -3.16 9.53
CA GLY A 46 -27.06 -3.13 10.84
C GLY A 46 -26.23 -1.89 11.08
ZN ZN B . 1.23 2.89 2.83
N GLY A 1 4.93 -12.74 16.12
CA GLY A 1 4.62 -13.05 14.74
C GLY A 1 5.32 -12.12 13.77
N SER A 2 6.40 -12.60 13.15
CA SER A 2 7.16 -11.81 12.21
C SER A 2 6.60 -11.95 10.79
N SER A 3 6.79 -10.92 9.97
CA SER A 3 6.30 -10.93 8.60
C SER A 3 7.47 -10.93 7.61
N GLY A 4 8.50 -11.73 7.90
CA GLY A 4 9.65 -11.80 7.03
C GLY A 4 10.74 -10.81 7.41
N SER A 5 11.97 -11.11 7.02
CA SER A 5 13.10 -10.24 7.33
C SER A 5 13.15 -9.05 6.38
N SER A 6 13.90 -8.03 6.76
CA SER A 6 14.02 -6.83 5.94
C SER A 6 14.83 -7.12 4.68
N GLY A 7 14.35 -6.63 3.54
CA GLY A 7 15.04 -6.85 2.28
C GLY A 7 15.03 -5.62 1.39
N PRO A 8 14.03 -5.55 0.49
CA PRO A 8 13.89 -4.41 -0.43
C PRO A 8 13.47 -3.13 0.28
N LYS A 9 14.13 -2.03 -0.08
CA LYS A 9 13.83 -0.74 0.53
C LYS A 9 12.66 -0.06 -0.19
N GLN A 10 11.89 -0.86 -0.92
CA GLN A 10 10.73 -0.33 -1.65
C GLN A 10 9.77 0.38 -0.71
N ARG A 11 9.50 1.65 -1.00
CA ARG A 11 8.60 2.45 -0.17
C ARG A 11 7.22 2.53 -0.81
N CYS A 12 6.19 2.59 0.03
CA CYS A 12 4.82 2.68 -0.46
C CYS A 12 4.70 3.66 -1.61
N ARG A 13 3.78 3.38 -2.53
CA ARG A 13 3.58 4.24 -3.68
C ARG A 13 2.81 5.50 -3.29
N ALA A 14 1.81 5.33 -2.44
CA ALA A 14 1.00 6.45 -1.98
C ALA A 14 1.83 7.71 -1.82
N PRO A 15 1.30 8.85 -2.31
CA PRO A 15 1.99 10.13 -2.24
C PRO A 15 2.07 10.67 -0.81
N ALA A 16 1.31 10.04 0.09
CA ALA A 16 1.30 10.46 1.49
C ALA A 16 1.54 9.27 2.42
N CYS A 17 2.45 8.38 2.01
CA CYS A 17 2.77 7.20 2.81
C CYS A 17 4.26 6.91 2.78
N ASP A 18 4.88 6.94 3.95
CA ASP A 18 6.31 6.69 4.06
C ASP A 18 6.57 5.32 4.70
N HIS A 19 5.72 4.35 4.38
CA HIS A 19 5.86 3.00 4.92
C HIS A 19 6.50 2.07 3.90
N PHE A 20 6.74 0.83 4.31
CA PHE A 20 7.36 -0.16 3.44
C PHE A 20 6.30 -0.87 2.59
N GLY A 21 6.39 -0.68 1.27
CA GLY A 21 5.44 -1.31 0.37
C GLY A 21 6.08 -2.31 -0.56
N ASN A 22 5.29 -3.27 -1.04
CA ASN A 22 5.80 -4.30 -1.94
C ASN A 22 4.79 -4.59 -3.05
N ALA A 23 5.16 -5.51 -3.94
CA ALA A 23 4.29 -5.89 -5.05
C ALA A 23 3.30 -6.97 -4.62
N LYS A 24 2.79 -6.85 -3.40
CA LYS A 24 1.84 -7.82 -2.87
C LYS A 24 0.49 -7.17 -2.60
N CYS A 25 0.52 -5.87 -2.29
CA CYS A 25 -0.70 -5.13 -2.01
C CYS A 25 -0.95 -4.06 -3.08
N ASN A 26 -0.68 -4.42 -4.33
CA ASN A 26 -0.87 -3.49 -5.44
C ASN A 26 -0.01 -2.24 -5.27
N GLY A 27 1.22 -2.44 -4.81
CA GLY A 27 2.12 -1.32 -4.61
C GLY A 27 1.96 -0.69 -3.24
N TYR A 28 0.73 -0.60 -2.77
CA TYR A 28 0.44 0.00 -1.47
C TYR A 28 0.87 -0.93 -0.35
N CYS A 29 1.00 -0.37 0.85
CA CYS A 29 1.40 -1.14 2.02
C CYS A 29 0.20 -1.82 2.68
N ASN A 30 0.44 -2.52 3.78
CA ASN A 30 -0.61 -3.21 4.51
C ASN A 30 -1.68 -2.22 4.98
N GLU A 31 -1.24 -1.17 5.65
CA GLU A 31 -2.16 -0.15 6.16
C GLU A 31 -3.02 0.42 5.03
N CYS A 32 -2.37 0.78 3.93
CA CYS A 32 -3.08 1.34 2.78
C CYS A 32 -4.13 0.35 2.25
N PHE A 33 -3.74 -0.91 2.14
CA PHE A 33 -4.64 -1.96 1.64
C PHE A 33 -5.77 -2.18 2.63
N GLN A 34 -5.43 -2.66 3.82
CA GLN A 34 -6.44 -2.93 4.86
C GLN A 34 -7.39 -1.75 5.02
N PHE A 35 -6.82 -0.54 5.03
CA PHE A 35 -7.61 0.68 5.18
C PHE A 35 -8.63 0.80 4.05
N LYS A 36 -8.15 0.67 2.82
CA LYS A 36 -9.01 0.76 1.65
C LYS A 36 -10.39 0.17 1.94
N GLN A 37 -10.41 -1.09 2.34
CA GLN A 37 -11.66 -1.78 2.64
C GLN A 37 -12.63 -0.85 3.36
N MET A 38 -13.88 -0.83 2.90
CA MET A 38 -14.90 0.03 3.50
C MET A 38 -15.26 -0.46 4.91
N TYR A 39 -14.94 0.36 5.90
CA TYR A 39 -15.22 0.00 7.29
C TYR A 39 -16.10 1.06 7.94
N GLY A 40 -17.12 1.52 7.20
CA GLY A 40 -18.03 2.52 7.73
C GLY A 40 -18.09 3.75 6.84
N SER A 41 -19.31 4.22 6.58
CA SER A 41 -19.52 5.39 5.73
C SER A 41 -20.10 6.54 6.55
N GLY A 42 -19.22 7.34 7.14
CA GLY A 42 -19.65 8.47 7.94
C GLY A 42 -20.69 8.08 8.98
N PRO A 43 -21.15 9.07 9.76
CA PRO A 43 -22.16 8.85 10.80
C PRO A 43 -23.53 8.51 10.23
N SER A 44 -23.91 9.22 9.19
CA SER A 44 -25.22 9.01 8.55
C SER A 44 -25.13 9.28 7.05
N SER A 45 -25.46 8.26 6.26
CA SER A 45 -25.41 8.38 4.80
C SER A 45 -25.95 9.74 4.35
N GLY A 46 -25.37 10.27 3.28
CA GLY A 46 -25.81 11.56 2.76
C GLY A 46 -24.70 12.28 2.02
ZN ZN B . 1.02 2.85 2.36
N GLY A 1 28.91 -7.50 -10.99
CA GLY A 1 28.52 -7.17 -9.63
C GLY A 1 29.57 -7.60 -8.61
N SER A 2 29.83 -6.74 -7.64
CA SER A 2 30.81 -7.02 -6.60
C SER A 2 30.15 -7.53 -5.34
N SER A 3 30.93 -8.15 -4.47
CA SER A 3 30.42 -8.69 -3.22
C SER A 3 29.43 -7.72 -2.57
N GLY A 4 28.26 -8.21 -2.22
CA GLY A 4 27.25 -7.37 -1.59
C GLY A 4 25.86 -7.60 -2.17
N SER A 5 24.85 -7.46 -1.32
CA SER A 5 23.46 -7.67 -1.74
C SER A 5 22.77 -6.34 -2.02
N SER A 6 21.66 -6.39 -2.74
CA SER A 6 20.90 -5.19 -3.08
C SER A 6 20.06 -4.72 -1.89
N GLY A 7 19.46 -3.55 -2.03
CA GLY A 7 18.63 -3.01 -0.97
C GLY A 7 17.28 -2.53 -1.47
N PRO A 8 16.27 -2.61 -0.59
CA PRO A 8 14.90 -2.19 -0.92
C PRO A 8 14.78 -0.68 -1.09
N LYS A 9 14.86 -0.21 -2.33
CA LYS A 9 14.76 1.21 -2.63
C LYS A 9 13.39 1.55 -3.21
N GLN A 10 12.40 1.68 -2.33
CA GLN A 10 11.04 2.01 -2.75
C GLN A 10 10.18 2.42 -1.56
N ARG A 11 9.14 3.21 -1.83
CA ARG A 11 8.25 3.67 -0.78
C ARG A 11 6.82 3.23 -1.05
N CYS A 12 5.91 3.53 -0.12
CA CYS A 12 4.51 3.16 -0.26
C CYS A 12 3.88 3.87 -1.46
N ARG A 13 3.00 3.16 -2.17
CA ARG A 13 2.33 3.73 -3.33
C ARG A 13 1.82 5.14 -3.05
N ALA A 14 0.96 5.26 -2.04
CA ALA A 14 0.41 6.56 -1.67
C ALA A 14 1.52 7.54 -1.29
N PRO A 15 1.42 8.77 -1.82
CA PRO A 15 2.41 9.82 -1.55
C PRO A 15 2.34 10.32 -0.10
N ALA A 16 1.18 10.16 0.52
CA ALA A 16 0.99 10.59 1.90
C ALA A 16 1.15 9.43 2.87
N CYS A 17 2.16 8.61 2.64
CA CYS A 17 2.43 7.46 3.49
C CYS A 17 3.93 7.28 3.73
N ASP A 18 4.31 7.10 4.98
CA ASP A 18 5.71 6.91 5.35
C ASP A 18 6.01 5.45 5.67
N HIS A 19 5.42 4.55 4.89
CA HIS A 19 5.62 3.12 5.10
C HIS A 19 6.24 2.47 3.87
N PHE A 20 6.85 1.30 4.07
CA PHE A 20 7.50 0.59 2.97
C PHE A 20 6.51 -0.38 2.30
N GLY A 21 5.74 0.14 1.35
CA GLY A 21 4.78 -0.68 0.65
C GLY A 21 5.40 -1.93 0.05
N ASN A 22 4.60 -2.69 -0.68
CA ASN A 22 5.08 -3.92 -1.32
C ASN A 22 4.13 -4.38 -2.43
N ALA A 23 4.69 -5.02 -3.44
CA ALA A 23 3.89 -5.51 -4.56
C ALA A 23 2.72 -6.35 -4.07
N LYS A 24 3.01 -7.31 -3.20
CA LYS A 24 1.98 -8.19 -2.66
C LYS A 24 0.69 -7.41 -2.40
N CYS A 25 0.82 -6.22 -1.83
CA CYS A 25 -0.33 -5.38 -1.54
C CYS A 25 -0.53 -4.32 -2.62
N ASN A 26 -0.38 -4.73 -3.87
CA ASN A 26 -0.54 -3.81 -5.00
C ASN A 26 0.34 -2.58 -4.81
N GLY A 27 1.48 -2.75 -4.15
CA GLY A 27 2.38 -1.64 -3.93
C GLY A 27 2.14 -0.95 -2.60
N TYR A 28 0.87 -0.71 -2.29
CA TYR A 28 0.51 -0.05 -1.04
C TYR A 28 0.85 -0.93 0.16
N CYS A 29 1.02 -0.30 1.32
CA CYS A 29 1.35 -1.01 2.54
C CYS A 29 0.12 -1.70 3.13
N ASN A 30 0.34 -2.80 3.85
CA ASN A 30 -0.76 -3.54 4.46
C ASN A 30 -1.87 -2.60 4.92
N GLU A 31 -1.50 -1.60 5.71
CA GLU A 31 -2.47 -0.63 6.21
C GLU A 31 -3.27 -0.02 5.06
N CYS A 32 -2.57 0.62 4.13
CA CYS A 32 -3.21 1.26 2.99
C CYS A 32 -4.17 0.28 2.29
N PHE A 33 -3.75 -0.97 2.18
CA PHE A 33 -4.57 -1.99 1.55
C PHE A 33 -5.84 -2.26 2.35
N GLN A 34 -5.65 -2.74 3.58
CA GLN A 34 -6.78 -3.04 4.46
C GLN A 34 -7.73 -1.84 4.56
N PHE A 35 -7.17 -0.63 4.46
CA PHE A 35 -7.95 0.59 4.54
C PHE A 35 -8.88 0.72 3.34
N LYS A 36 -8.46 0.15 2.21
CA LYS A 36 -9.24 0.21 0.99
C LYS A 36 -10.53 -0.61 1.13
N GLN A 37 -10.42 -1.75 1.79
CA GLN A 37 -11.57 -2.63 1.99
C GLN A 37 -12.81 -1.82 2.34
N MET A 38 -13.90 -2.08 1.62
CA MET A 38 -15.16 -1.36 1.86
C MET A 38 -16.18 -2.27 2.54
N TYR A 39 -16.57 -1.91 3.75
CA TYR A 39 -17.54 -2.69 4.52
C TYR A 39 -18.88 -2.75 3.79
N GLY A 40 -19.79 -3.56 4.31
CA GLY A 40 -21.09 -3.70 3.71
C GLY A 40 -22.04 -2.59 4.13
N SER A 41 -23.27 -2.97 4.49
CA SER A 41 -24.27 -2.00 4.92
C SER A 41 -23.77 -1.19 6.11
N GLY A 42 -23.52 -1.88 7.22
CA GLY A 42 -23.04 -1.20 8.41
C GLY A 42 -23.59 -1.82 9.69
N PRO A 43 -23.10 -3.01 10.03
CA PRO A 43 -23.52 -3.73 11.24
C PRO A 43 -23.05 -3.05 12.52
N SER A 44 -22.14 -2.10 12.37
CA SER A 44 -21.61 -1.37 13.53
C SER A 44 -21.83 0.13 13.37
N SER A 45 -21.43 0.89 14.39
CA SER A 45 -21.59 2.34 14.37
C SER A 45 -20.28 3.04 14.73
N GLY A 46 -19.75 2.72 15.91
CA GLY A 46 -18.51 3.33 16.35
C GLY A 46 -18.57 3.82 17.78
ZN ZN B . 0.75 3.14 2.82
N GLY A 1 8.01 -7.02 -21.02
CA GLY A 1 8.87 -8.02 -20.41
C GLY A 1 9.54 -7.52 -19.15
N SER A 2 10.78 -7.94 -18.91
CA SER A 2 11.52 -7.53 -17.73
C SER A 2 12.84 -6.88 -18.11
N SER A 3 13.04 -5.65 -17.64
CA SER A 3 14.26 -4.91 -17.94
C SER A 3 15.27 -5.05 -16.80
N GLY A 4 16.55 -5.08 -17.16
CA GLY A 4 17.59 -5.21 -16.16
C GLY A 4 18.00 -3.87 -15.58
N SER A 5 18.14 -3.83 -14.25
CA SER A 5 18.53 -2.59 -13.57
C SER A 5 19.57 -2.88 -12.50
N SER A 6 20.09 -1.81 -11.89
CA SER A 6 21.10 -1.93 -10.85
C SER A 6 20.45 -2.15 -9.48
N GLY A 7 19.40 -1.38 -9.20
CA GLY A 7 18.71 -1.49 -7.94
C GLY A 7 17.93 -0.24 -7.58
N PRO A 8 16.71 -0.12 -8.12
CA PRO A 8 15.85 1.03 -7.88
C PRO A 8 15.32 1.06 -6.44
N LYS A 9 14.90 2.24 -6.00
CA LYS A 9 14.37 2.41 -4.65
C LYS A 9 13.02 1.72 -4.51
N GLN A 10 12.50 1.68 -3.28
CA GLN A 10 11.21 1.05 -3.01
C GLN A 10 10.43 1.85 -1.99
N ARG A 11 9.14 2.05 -2.26
CA ARG A 11 8.28 2.81 -1.36
C ARG A 11 6.81 2.62 -1.73
N CYS A 12 5.94 2.65 -0.74
CA CYS A 12 4.50 2.48 -0.95
C CYS A 12 4.03 3.36 -2.11
N ARG A 13 2.88 3.02 -2.67
CA ARG A 13 2.31 3.76 -3.78
C ARG A 13 1.99 5.19 -3.37
N ALA A 14 1.18 5.34 -2.33
CA ALA A 14 0.79 6.65 -1.83
C ALA A 14 1.98 7.60 -1.81
N PRO A 15 1.80 8.82 -2.34
CA PRO A 15 2.85 9.83 -2.39
C PRO A 15 3.18 10.38 -1.01
N ALA A 16 2.33 10.08 -0.02
CA ALA A 16 2.54 10.55 1.33
C ALA A 16 2.49 9.39 2.32
N CYS A 17 3.27 8.34 2.06
CA CYS A 17 3.31 7.18 2.93
C CYS A 17 4.71 6.95 3.47
N ASP A 18 4.81 6.78 4.79
CA ASP A 18 6.09 6.56 5.45
C ASP A 18 6.31 5.07 5.72
N HIS A 19 5.97 4.24 4.73
CA HIS A 19 6.14 2.79 4.86
C HIS A 19 6.79 2.21 3.61
N PHE A 20 7.17 0.93 3.69
CA PHE A 20 7.81 0.26 2.57
C PHE A 20 6.87 -0.76 1.94
N GLY A 21 6.13 -0.33 0.91
CA GLY A 21 5.20 -1.21 0.24
C GLY A 21 5.90 -2.24 -0.62
N ASN A 22 5.14 -3.19 -1.14
CA ASN A 22 5.69 -4.25 -1.99
C ASN A 22 4.65 -4.77 -2.97
N ALA A 23 5.02 -5.79 -3.73
CA ALA A 23 4.12 -6.37 -4.71
C ALA A 23 3.19 -7.39 -4.06
N LYS A 24 2.75 -7.10 -2.84
CA LYS A 24 1.86 -7.98 -2.10
C LYS A 24 0.49 -7.33 -1.91
N CYS A 25 0.47 -6.01 -1.84
CA CYS A 25 -0.76 -5.27 -1.65
C CYS A 25 -1.08 -4.41 -2.87
N ASN A 26 -0.80 -4.94 -4.05
CA ASN A 26 -1.05 -4.22 -5.29
C ASN A 26 -0.30 -2.89 -5.31
N GLY A 27 0.93 -2.91 -4.83
CA GLY A 27 1.74 -1.70 -4.80
C GLY A 27 1.77 -1.05 -3.42
N TYR A 28 0.59 -0.73 -2.90
CA TYR A 28 0.48 -0.09 -1.59
C TYR A 28 0.99 -1.04 -0.49
N CYS A 29 0.96 -0.55 0.75
CA CYS A 29 1.41 -1.35 1.88
C CYS A 29 0.22 -1.89 2.68
N ASN A 30 0.48 -2.86 3.54
CA ASN A 30 -0.56 -3.46 4.37
C ASN A 30 -1.46 -2.37 4.98
N GLU A 31 -0.82 -1.35 5.55
CA GLU A 31 -1.57 -0.25 6.16
C GLU A 31 -2.55 0.36 5.18
N CYS A 32 -2.03 0.91 4.09
CA CYS A 32 -2.87 1.53 3.07
C CYS A 32 -3.94 0.56 2.58
N PHE A 33 -3.51 -0.58 2.05
CA PHE A 33 -4.42 -1.59 1.54
C PHE A 33 -5.56 -1.85 2.54
N GLN A 34 -5.19 -2.19 3.76
CA GLN A 34 -6.17 -2.46 4.81
C GLN A 34 -7.27 -1.40 4.81
N PHE A 35 -6.85 -0.13 4.93
CA PHE A 35 -7.80 0.97 4.94
C PHE A 35 -8.76 0.90 3.76
N LYS A 36 -8.21 0.62 2.58
CA LYS A 36 -9.01 0.52 1.37
C LYS A 36 -10.10 -0.54 1.52
N GLN A 37 -9.74 -1.68 2.11
CA GLN A 37 -10.68 -2.77 2.31
C GLN A 37 -11.80 -2.35 3.27
N MET A 38 -11.41 -1.92 4.47
CA MET A 38 -12.39 -1.49 5.47
C MET A 38 -13.62 -2.38 5.45
N TYR A 39 -13.43 -3.64 5.07
CA TYR A 39 -14.53 -4.59 5.01
C TYR A 39 -14.77 -5.24 6.37
N GLY A 40 -15.97 -5.05 6.90
CA GLY A 40 -16.31 -5.62 8.20
C GLY A 40 -15.79 -4.78 9.35
N SER A 41 -16.26 -5.08 10.55
CA SER A 41 -15.85 -4.35 11.74
C SER A 41 -16.20 -2.87 11.62
N GLY A 42 -17.46 -2.60 11.32
CA GLY A 42 -17.92 -1.23 11.17
C GLY A 42 -19.31 -1.12 10.60
N PRO A 43 -19.63 0.04 10.02
CA PRO A 43 -20.94 0.29 9.40
C PRO A 43 -21.14 -0.51 8.12
N SER A 44 -20.16 -1.34 7.79
CA SER A 44 -20.22 -2.17 6.58
C SER A 44 -21.66 -2.61 6.31
N SER A 45 -22.13 -2.36 5.09
CA SER A 45 -23.49 -2.73 4.71
C SER A 45 -23.48 -3.99 3.85
N GLY A 46 -24.66 -4.57 3.65
CA GLY A 46 -24.77 -5.77 2.84
C GLY A 46 -24.99 -5.47 1.38
ZN ZN B . 1.26 2.82 2.46
N GLY A 1 32.70 15.63 0.90
CA GLY A 1 32.55 14.24 1.27
C GLY A 1 31.12 13.74 1.10
N SER A 2 30.75 13.49 -0.16
CA SER A 2 29.40 13.01 -0.46
C SER A 2 29.38 11.50 -0.63
N SER A 3 28.80 10.80 0.34
CA SER A 3 28.73 9.35 0.30
C SER A 3 28.30 8.87 -1.08
N GLY A 4 27.18 9.41 -1.57
CA GLY A 4 26.68 9.02 -2.87
C GLY A 4 25.63 7.93 -2.79
N SER A 5 24.51 8.24 -2.17
CA SER A 5 23.43 7.27 -2.01
C SER A 5 22.26 7.59 -2.95
N SER A 6 21.79 6.58 -3.68
CA SER A 6 20.69 6.76 -4.61
C SER A 6 19.35 6.58 -3.91
N GLY A 7 18.27 6.80 -4.65
CA GLY A 7 16.93 6.66 -4.08
C GLY A 7 16.01 5.85 -4.98
N PRO A 8 16.02 4.52 -4.80
CA PRO A 8 15.18 3.61 -5.59
C PRO A 8 13.69 3.75 -5.24
N LYS A 9 12.85 3.05 -5.99
CA LYS A 9 11.42 3.08 -5.77
C LYS A 9 11.02 2.17 -4.61
N GLN A 10 11.81 2.21 -3.53
CA GLN A 10 11.54 1.39 -2.35
C GLN A 10 10.62 2.12 -1.38
N ARG A 11 9.55 2.69 -1.91
CA ARG A 11 8.59 3.41 -1.08
C ARG A 11 7.16 3.02 -1.42
N CYS A 12 6.24 3.27 -0.49
CA CYS A 12 4.83 2.94 -0.69
C CYS A 12 4.27 3.68 -1.90
N ARG A 13 3.16 3.18 -2.43
CA ARG A 13 2.51 3.80 -3.58
C ARG A 13 2.04 5.21 -3.25
N ALA A 14 1.16 5.32 -2.25
CA ALA A 14 0.63 6.60 -1.84
C ALA A 14 1.73 7.64 -1.72
N PRO A 15 1.48 8.85 -2.25
CA PRO A 15 2.44 9.95 -2.23
C PRO A 15 2.65 10.51 -0.83
N ALA A 16 1.75 10.15 0.08
CA ALA A 16 1.83 10.61 1.46
C ALA A 16 1.89 9.44 2.43
N CYS A 17 2.87 8.56 2.23
CA CYS A 17 3.04 7.39 3.08
C CYS A 17 4.52 7.16 3.38
N ASP A 18 4.88 7.28 4.65
CA ASP A 18 6.27 7.07 5.08
C ASP A 18 6.51 5.63 5.47
N HIS A 19 6.01 4.70 4.65
CA HIS A 19 6.16 3.28 4.91
C HIS A 19 6.60 2.54 3.66
N PHE A 20 7.15 1.34 3.83
CA PHE A 20 7.61 0.54 2.71
C PHE A 20 6.46 -0.29 2.12
N GLY A 21 6.21 -0.11 0.84
CA GLY A 21 5.14 -0.85 0.18
C GLY A 21 5.65 -2.04 -0.60
N ASN A 22 4.78 -3.01 -0.84
CA ASN A 22 5.14 -4.21 -1.59
C ASN A 22 4.25 -4.39 -2.80
N ALA A 23 4.78 -5.08 -3.82
CA ALA A 23 4.02 -5.32 -5.05
C ALA A 23 2.77 -6.15 -4.77
N LYS A 24 2.92 -7.19 -3.96
CA LYS A 24 1.81 -8.06 -3.62
C LYS A 24 0.57 -7.25 -3.27
N CYS A 25 0.75 -6.23 -2.43
CA CYS A 25 -0.35 -5.37 -2.03
C CYS A 25 -0.59 -4.26 -3.04
N ASN A 26 -0.41 -4.58 -4.32
CA ASN A 26 -0.60 -3.62 -5.39
C ASN A 26 0.24 -2.37 -5.15
N GLY A 27 1.44 -2.56 -4.62
CA GLY A 27 2.33 -1.45 -4.35
C GLY A 27 2.14 -0.88 -2.95
N TYR A 28 0.89 -0.63 -2.59
CA TYR A 28 0.58 -0.07 -1.28
C TYR A 28 0.99 -1.04 -0.16
N CYS A 29 1.29 -0.49 1.01
CA CYS A 29 1.69 -1.30 2.15
C CYS A 29 0.49 -1.96 2.81
N ASN A 30 0.76 -2.79 3.81
CA ASN A 30 -0.31 -3.49 4.53
C ASN A 30 -1.33 -2.50 5.08
N GLU A 31 -0.84 -1.39 5.62
CA GLU A 31 -1.69 -0.36 6.19
C GLU A 31 -2.59 0.26 5.12
N CYS A 32 -1.96 0.75 4.05
CA CYS A 32 -2.69 1.36 2.95
C CYS A 32 -3.71 0.38 2.35
N PHE A 33 -3.27 -0.86 2.17
CA PHE A 33 -4.14 -1.89 1.60
C PHE A 33 -5.37 -2.11 2.48
N GLN A 34 -5.13 -2.39 3.75
CA GLN A 34 -6.22 -2.63 4.70
C GLN A 34 -7.26 -1.52 4.61
N PHE A 35 -6.80 -0.28 4.47
CA PHE A 35 -7.70 0.87 4.37
C PHE A 35 -8.37 0.92 3.01
N LYS A 36 -7.72 0.33 2.01
CA LYS A 36 -8.25 0.30 0.65
C LYS A 36 -9.13 -0.92 0.44
N GLN A 37 -9.86 -1.32 1.47
CA GLN A 37 -10.74 -2.48 1.39
C GLN A 37 -11.74 -2.48 2.54
N MET A 38 -12.87 -3.17 2.34
CA MET A 38 -13.90 -3.26 3.36
C MET A 38 -13.30 -3.63 4.72
N TYR A 39 -13.92 -3.17 5.79
CA TYR A 39 -13.45 -3.46 7.14
C TYR A 39 -14.62 -3.78 8.07
N GLY A 40 -14.47 -4.84 8.86
CA GLY A 40 -15.52 -5.23 9.78
C GLY A 40 -15.06 -6.26 10.78
N SER A 41 -14.46 -5.79 11.88
CA SER A 41 -13.97 -6.69 12.93
C SER A 41 -13.25 -7.89 12.30
N GLY A 42 -12.42 -7.62 11.30
CA GLY A 42 -11.69 -8.70 10.65
C GLY A 42 -12.57 -9.53 9.74
N PRO A 43 -12.13 -10.77 9.45
CA PRO A 43 -12.88 -11.69 8.58
C PRO A 43 -14.16 -12.19 9.24
N SER A 44 -15.27 -11.50 8.97
CA SER A 44 -16.56 -11.87 9.53
C SER A 44 -17.54 -12.28 8.43
N SER A 45 -18.06 -13.49 8.54
CA SER A 45 -19.00 -14.01 7.54
C SER A 45 -20.01 -12.93 7.16
N GLY A 46 -20.57 -12.26 8.15
CA GLY A 46 -21.55 -11.22 7.89
C GLY A 46 -22.75 -11.74 7.12
ZN ZN B . 1.34 2.84 2.52
N GLY A 1 15.10 18.11 -21.71
CA GLY A 1 14.13 17.06 -21.94
C GLY A 1 14.33 15.87 -21.03
N SER A 2 14.18 16.08 -19.73
CA SER A 2 14.36 15.01 -18.75
C SER A 2 13.04 14.65 -18.09
N SER A 3 12.92 13.40 -17.66
CA SER A 3 11.70 12.93 -17.01
C SER A 3 11.95 12.65 -15.53
N GLY A 4 10.88 12.71 -14.74
CA GLY A 4 11.00 12.46 -13.31
C GLY A 4 10.65 13.67 -12.48
N SER A 5 9.38 13.77 -12.09
CA SER A 5 8.91 14.91 -11.30
C SER A 5 8.95 14.57 -9.81
N SER A 6 8.44 13.39 -9.45
CA SER A 6 8.42 12.96 -8.06
C SER A 6 9.77 12.42 -7.63
N GLY A 7 10.17 11.30 -8.23
CA GLY A 7 11.45 10.69 -7.90
C GLY A 7 11.37 9.18 -7.79
N PRO A 8 12.53 8.52 -7.89
CA PRO A 8 12.61 7.05 -7.81
C PRO A 8 12.32 6.53 -6.41
N LYS A 9 11.97 7.45 -5.50
CA LYS A 9 11.67 7.08 -4.12
C LYS A 9 10.98 5.73 -4.06
N GLN A 10 11.51 4.83 -3.24
CA GLN A 10 10.94 3.49 -3.09
C GLN A 10 10.01 3.43 -1.88
N ARG A 11 9.13 4.42 -1.77
CA ARG A 11 8.19 4.46 -0.66
C ARG A 11 6.80 4.02 -1.11
N CYS A 12 5.87 3.96 -0.16
CA CYS A 12 4.50 3.55 -0.45
C CYS A 12 3.90 4.40 -1.57
N ARG A 13 3.24 3.74 -2.51
CA ARG A 13 2.62 4.43 -3.64
C ARG A 13 1.72 5.57 -3.14
N ALA A 14 1.03 5.33 -2.04
CA ALA A 14 0.14 6.32 -1.46
C ALA A 14 0.86 7.65 -1.25
N PRO A 15 0.18 8.75 -1.62
CA PRO A 15 0.75 10.10 -1.48
C PRO A 15 0.85 10.53 -0.01
N ALA A 16 0.05 9.91 0.84
CA ALA A 16 0.05 10.23 2.26
C ALA A 16 0.47 9.03 3.09
N CYS A 17 1.60 8.43 2.73
CA CYS A 17 2.11 7.25 3.44
C CYS A 17 3.64 7.21 3.37
N ASP A 18 4.28 7.44 4.51
CA ASP A 18 5.73 7.41 4.58
C ASP A 18 6.25 6.04 5.00
N HIS A 19 5.67 5.00 4.40
CA HIS A 19 6.06 3.63 4.71
C HIS A 19 6.47 2.88 3.44
N PHE A 20 7.08 1.71 3.62
CA PHE A 20 7.52 0.89 2.49
C PHE A 20 6.36 0.10 1.91
N GLY A 21 6.06 0.35 0.64
CA GLY A 21 4.97 -0.35 -0.02
C GLY A 21 5.17 -1.86 -0.01
N ASN A 22 4.18 -2.58 -0.52
CA ASN A 22 4.24 -4.04 -0.57
C ASN A 22 3.61 -4.57 -1.85
N ALA A 23 4.43 -5.19 -2.70
CA ALA A 23 3.95 -5.74 -3.96
C ALA A 23 2.57 -6.38 -3.79
N LYS A 24 2.38 -7.08 -2.67
CA LYS A 24 1.11 -7.74 -2.40
C LYS A 24 -0.06 -6.82 -2.74
N CYS A 25 -0.02 -5.59 -2.24
CA CYS A 25 -1.08 -4.63 -2.51
C CYS A 25 -0.81 -3.86 -3.80
N ASN A 26 -0.25 -4.55 -4.78
CA ASN A 26 0.05 -3.94 -6.06
C ASN A 26 0.95 -2.72 -5.88
N GLY A 27 1.71 -2.71 -4.79
CA GLY A 27 2.61 -1.60 -4.52
C GLY A 27 2.38 -1.00 -3.14
N TYR A 28 1.12 -0.79 -2.79
CA TYR A 28 0.77 -0.22 -1.49
C TYR A 28 1.24 -1.13 -0.36
N CYS A 29 1.45 -0.54 0.82
CA CYS A 29 1.89 -1.30 1.98
C CYS A 29 0.72 -2.02 2.64
N ASN A 30 1.03 -2.85 3.63
CA ASN A 30 0.00 -3.61 4.34
C ASN A 30 -1.01 -2.67 4.99
N GLU A 31 -0.51 -1.62 5.65
CA GLU A 31 -1.36 -0.65 6.32
C GLU A 31 -2.40 -0.09 5.36
N CYS A 32 -1.95 0.26 4.15
CA CYS A 32 -2.84 0.82 3.14
C CYS A 32 -3.83 -0.25 2.64
N PHE A 33 -3.33 -1.45 2.41
CA PHE A 33 -4.17 -2.54 1.93
C PHE A 33 -5.47 -2.61 2.70
N GLN A 34 -5.37 -2.63 4.04
CA GLN A 34 -6.54 -2.69 4.90
C GLN A 34 -7.49 -1.54 4.60
N PHE A 35 -6.96 -0.32 4.57
CA PHE A 35 -7.76 0.87 4.29
C PHE A 35 -8.52 0.72 2.98
N LYS A 36 -7.83 0.21 1.96
CA LYS A 36 -8.43 0.02 0.64
C LYS A 36 -9.69 -0.84 0.75
N GLN A 37 -9.55 -2.01 1.35
CA GLN A 37 -10.68 -2.92 1.51
C GLN A 37 -11.60 -2.47 2.64
N MET A 38 -12.85 -2.90 2.58
CA MET A 38 -13.83 -2.53 3.60
C MET A 38 -14.12 -3.70 4.53
N TYR A 39 -14.48 -3.38 5.77
CA TYR A 39 -14.78 -4.42 6.76
C TYR A 39 -16.24 -4.84 6.68
N GLY A 40 -16.48 -6.01 6.10
CA GLY A 40 -17.83 -6.51 5.97
C GLY A 40 -17.90 -8.02 6.07
N SER A 41 -17.69 -8.56 7.27
CA SER A 41 -17.72 -9.99 7.49
C SER A 41 -18.94 -10.38 8.32
N GLY A 42 -19.32 -11.66 8.25
CA GLY A 42 -20.47 -12.14 8.99
C GLY A 42 -20.55 -13.66 9.02
N PRO A 43 -21.24 -14.23 8.03
CA PRO A 43 -21.41 -15.68 7.93
C PRO A 43 -20.11 -16.40 7.57
N SER A 44 -19.06 -15.61 7.30
CA SER A 44 -17.77 -16.16 6.93
C SER A 44 -16.79 -16.06 8.10
N SER A 45 -16.01 -17.11 8.31
CA SER A 45 -15.03 -17.14 9.40
C SER A 45 -13.64 -16.83 8.87
N GLY A 46 -13.54 -15.84 7.99
CA GLY A 46 -12.27 -15.45 7.43
C GLY A 46 -11.47 -16.64 6.93
ZN ZN B . 0.94 2.74 2.63
N GLY A 1 15.10 -18.21 -18.90
CA GLY A 1 15.48 -16.81 -18.83
C GLY A 1 15.32 -16.24 -17.44
N SER A 2 15.53 -14.93 -17.31
CA SER A 2 15.41 -14.25 -16.03
C SER A 2 14.11 -14.64 -15.33
N SER A 3 14.12 -14.58 -14.00
CA SER A 3 12.94 -14.93 -13.21
C SER A 3 12.12 -13.68 -12.87
N GLY A 4 12.78 -12.73 -12.22
CA GLY A 4 12.10 -11.50 -11.85
C GLY A 4 12.98 -10.58 -11.03
N SER A 5 13.56 -9.58 -11.69
CA SER A 5 14.44 -8.62 -11.01
C SER A 5 13.65 -7.80 -9.99
N SER A 6 14.14 -7.78 -8.75
CA SER A 6 13.50 -7.02 -7.69
C SER A 6 13.97 -5.58 -7.68
N GLY A 7 15.28 -5.38 -7.53
CA GLY A 7 15.84 -4.05 -7.52
C GLY A 7 15.70 -3.39 -6.16
N PRO A 8 16.03 -2.09 -6.10
CA PRO A 8 15.95 -1.31 -4.86
C PRO A 8 14.51 -1.07 -4.40
N LYS A 9 14.11 -1.75 -3.33
CA LYS A 9 12.76 -1.62 -2.80
C LYS A 9 12.31 -0.16 -2.84
N GLN A 10 11.03 0.04 -3.09
CA GLN A 10 10.46 1.40 -3.15
C GLN A 10 9.46 1.62 -2.02
N ARG A 11 9.13 2.88 -1.78
CA ARG A 11 8.18 3.23 -0.72
C ARG A 11 6.75 3.16 -1.24
N CYS A 12 5.79 3.32 -0.33
CA CYS A 12 4.38 3.27 -0.69
C CYS A 12 4.11 4.11 -1.95
N ARG A 13 3.18 3.64 -2.77
CA ARG A 13 2.83 4.34 -4.00
C ARG A 13 2.03 5.60 -3.70
N ALA A 14 1.10 5.49 -2.75
CA ALA A 14 0.26 6.63 -2.37
C ALA A 14 1.06 7.92 -2.36
N PRO A 15 0.48 8.98 -2.92
CA PRO A 15 1.12 10.30 -2.99
C PRO A 15 1.22 10.96 -1.61
N ALA A 16 0.43 10.48 -0.67
CA ALA A 16 0.44 11.03 0.69
C ALA A 16 0.80 9.95 1.70
N CYS A 17 1.75 9.08 1.34
CA CYS A 17 2.18 8.01 2.22
C CYS A 17 3.70 7.83 2.16
N ASP A 18 4.36 8.09 3.27
CA ASP A 18 5.82 7.95 3.35
C ASP A 18 6.21 6.69 4.11
N HIS A 19 5.44 5.62 3.93
CA HIS A 19 5.70 4.37 4.60
C HIS A 19 6.25 3.33 3.61
N PHE A 20 6.91 2.31 4.15
CA PHE A 20 7.49 1.25 3.32
C PHE A 20 6.39 0.33 2.77
N GLY A 21 6.27 0.29 1.44
CA GLY A 21 5.27 -0.54 0.82
C GLY A 21 5.85 -1.82 0.26
N ASN A 22 5.03 -2.59 -0.45
CA ASN A 22 5.46 -3.85 -1.04
C ASN A 22 4.48 -4.33 -2.10
N ALA A 23 4.99 -5.03 -3.11
CA ALA A 23 4.16 -5.54 -4.19
C ALA A 23 2.97 -6.32 -3.65
N LYS A 24 3.23 -7.17 -2.66
CA LYS A 24 2.18 -7.97 -2.05
C LYS A 24 0.92 -7.14 -1.83
N CYS A 25 1.09 -5.93 -1.31
CA CYS A 25 -0.02 -5.03 -1.06
C CYS A 25 -0.27 -4.11 -2.24
N ASN A 26 -0.18 -4.66 -3.44
CA ASN A 26 -0.39 -3.88 -4.67
C ASN A 26 0.43 -2.61 -4.64
N GLY A 27 1.68 -2.72 -4.19
CA GLY A 27 2.55 -1.56 -4.13
C GLY A 27 2.36 -0.76 -2.86
N TYR A 28 1.10 -0.56 -2.47
CA TYR A 28 0.78 0.20 -1.27
C TYR A 28 1.29 -0.51 -0.03
N CYS A 29 1.11 0.13 1.13
CA CYS A 29 1.55 -0.44 2.39
C CYS A 29 0.39 -1.08 3.14
N ASN A 30 0.70 -2.06 3.98
CA ASN A 30 -0.33 -2.77 4.75
C ASN A 30 -1.39 -1.78 5.25
N GLU A 31 -0.94 -0.64 5.75
CA GLU A 31 -1.85 0.39 6.25
C GLU A 31 -2.82 0.83 5.17
N CYS A 32 -2.29 1.16 4.00
CA CYS A 32 -3.11 1.61 2.88
C CYS A 32 -4.00 0.48 2.38
N PHE A 33 -3.38 -0.66 2.06
CA PHE A 33 -4.12 -1.81 1.57
C PHE A 33 -5.30 -2.15 2.49
N GLN A 34 -5.01 -2.26 3.77
CA GLN A 34 -6.04 -2.58 4.76
C GLN A 34 -7.14 -1.52 4.76
N PHE A 35 -6.76 -0.28 5.08
CA PHE A 35 -7.71 0.82 5.12
C PHE A 35 -8.60 0.81 3.88
N LYS A 36 -7.99 0.64 2.72
CA LYS A 36 -8.72 0.61 1.47
C LYS A 36 -9.92 -0.33 1.55
N GLN A 37 -9.67 -1.58 1.92
CA GLN A 37 -10.72 -2.58 2.05
C GLN A 37 -11.89 -2.02 2.86
N MET A 38 -13.08 -2.58 2.63
CA MET A 38 -14.27 -2.14 3.35
C MET A 38 -14.21 -2.56 4.81
N TYR A 39 -13.66 -1.67 5.65
CA TYR A 39 -13.54 -1.95 7.08
C TYR A 39 -13.27 -3.43 7.32
N GLY A 40 -12.37 -4.00 6.54
CA GLY A 40 -12.03 -5.41 6.69
C GLY A 40 -13.26 -6.30 6.65
N SER A 41 -13.58 -6.80 5.47
CA SER A 41 -14.75 -7.67 5.30
C SER A 41 -14.31 -9.09 4.94
N GLY A 42 -14.95 -10.07 5.55
CA GLY A 42 -14.62 -11.46 5.27
C GLY A 42 -14.45 -12.28 6.54
N PRO A 43 -13.79 -13.44 6.42
CA PRO A 43 -13.55 -14.34 7.55
C PRO A 43 -12.54 -13.76 8.54
N SER A 44 -12.05 -12.56 8.25
CA SER A 44 -11.08 -11.91 9.11
C SER A 44 -11.35 -12.23 10.58
N SER A 45 -10.61 -13.19 11.11
CA SER A 45 -10.78 -13.60 12.51
C SER A 45 -9.75 -12.92 13.40
N GLY A 46 -10.19 -12.38 14.53
CA GLY A 46 -9.30 -11.72 15.44
C GLY A 46 -10.03 -10.79 16.40
ZN ZN B . 0.58 3.57 2.36
N GLY A 1 25.99 -1.85 5.72
CA GLY A 1 27.37 -1.81 5.26
C GLY A 1 27.65 -0.63 4.37
N SER A 2 28.93 -0.34 4.15
CA SER A 2 29.34 0.79 3.31
C SER A 2 29.65 0.31 1.89
N SER A 3 28.82 -0.60 1.38
CA SER A 3 29.02 -1.14 0.04
C SER A 3 28.09 -0.46 -0.96
N GLY A 4 28.66 0.02 -2.06
CA GLY A 4 27.87 0.68 -3.08
C GLY A 4 26.74 1.50 -2.49
N SER A 5 27.08 2.59 -1.81
CA SER A 5 26.08 3.45 -1.19
C SER A 5 24.83 3.53 -2.05
N SER A 6 23.68 3.26 -1.44
CA SER A 6 22.40 3.30 -2.15
C SER A 6 21.24 3.06 -1.20
N GLY A 7 20.45 4.11 -0.97
CA GLY A 7 19.31 4.00 -0.08
C GLY A 7 18.13 3.31 -0.73
N PRO A 8 17.37 2.54 0.07
CA PRO A 8 16.19 1.82 -0.42
C PRO A 8 15.04 2.75 -0.77
N LYS A 9 14.61 2.71 -2.03
CA LYS A 9 13.51 3.56 -2.47
C LYS A 9 12.24 2.74 -2.69
N GLN A 10 12.05 1.74 -1.83
CA GLN A 10 10.87 0.88 -1.92
C GLN A 10 9.79 1.33 -0.93
N ARG A 11 9.55 2.64 -0.89
CA ARG A 11 8.54 3.20 0.00
C ARG A 11 7.14 2.84 -0.47
N CYS A 12 6.14 3.27 0.29
CA CYS A 12 4.75 2.99 -0.04
C CYS A 12 4.33 3.73 -1.31
N ARG A 13 3.48 3.10 -2.11
CA ARG A 13 3.01 3.70 -3.36
C ARG A 13 2.39 5.06 -3.10
N ALA A 14 1.37 5.09 -2.25
CA ALA A 14 0.69 6.33 -1.91
C ALA A 14 1.69 7.43 -1.54
N PRO A 15 1.45 8.64 -2.04
CA PRO A 15 2.31 9.80 -1.78
C PRO A 15 2.22 10.28 -0.33
N ALA A 16 1.11 9.94 0.32
CA ALA A 16 0.90 10.33 1.71
C ALA A 16 1.08 9.14 2.66
N CYS A 17 2.17 8.41 2.47
CA CYS A 17 2.45 7.25 3.30
C CYS A 17 3.95 6.99 3.38
N ASP A 18 4.52 7.12 4.58
CA ASP A 18 5.94 6.90 4.78
C ASP A 18 6.20 5.47 5.27
N HIS A 19 5.53 4.51 4.65
CA HIS A 19 5.69 3.11 5.02
C HIS A 19 6.39 2.33 3.91
N PHE A 20 6.70 1.07 4.18
CA PHE A 20 7.37 0.21 3.20
C PHE A 20 6.37 -0.74 2.55
N GLY A 21 5.88 -0.37 1.38
CA GLY A 21 4.93 -1.20 0.67
C GLY A 21 5.60 -2.32 -0.10
N ASN A 22 4.82 -3.31 -0.52
CA ASN A 22 5.34 -4.44 -1.26
C ASN A 22 4.34 -4.92 -2.30
N ALA A 23 4.84 -5.34 -3.47
CA ALA A 23 3.98 -5.82 -4.54
C ALA A 23 2.81 -6.61 -3.99
N LYS A 24 3.08 -7.45 -2.99
CA LYS A 24 2.03 -8.27 -2.37
C LYS A 24 0.69 -7.52 -2.36
N CYS A 25 0.75 -6.24 -2.00
CA CYS A 25 -0.46 -5.41 -1.94
C CYS A 25 -0.41 -4.31 -3.00
N ASN A 26 -0.51 -4.72 -4.25
CA ASN A 26 -0.47 -3.76 -5.36
C ASN A 26 0.49 -2.61 -5.06
N GLY A 27 1.53 -2.91 -4.29
CA GLY A 27 2.51 -1.89 -3.94
C GLY A 27 2.24 -1.27 -2.58
N TYR A 28 1.01 -0.84 -2.36
CA TYR A 28 0.63 -0.23 -1.09
C TYR A 28 1.02 -1.10 0.09
N CYS A 29 1.30 -0.48 1.22
CA CYS A 29 1.69 -1.20 2.43
C CYS A 29 0.48 -1.91 3.05
N ASN A 30 0.74 -3.03 3.72
CA ASN A 30 -0.31 -3.80 4.36
C ASN A 30 -1.39 -2.88 4.91
N GLU A 31 -0.98 -1.81 5.57
CA GLU A 31 -1.91 -0.85 6.15
C GLU A 31 -2.82 -0.27 5.08
N CYS A 32 -2.24 0.42 4.10
CA CYS A 32 -3.00 1.02 3.02
C CYS A 32 -4.01 0.03 2.46
N PHE A 33 -3.53 -1.13 2.03
CA PHE A 33 -4.39 -2.16 1.46
C PHE A 33 -5.72 -2.24 2.23
N GLN A 34 -5.63 -2.26 3.55
CA GLN A 34 -6.82 -2.34 4.39
C GLN A 34 -7.57 -1.01 4.39
N PHE A 35 -6.83 0.09 4.57
CA PHE A 35 -7.43 1.42 4.59
C PHE A 35 -8.30 1.64 3.35
N LYS A 36 -7.82 1.16 2.21
CA LYS A 36 -8.56 1.31 0.96
C LYS A 36 -9.91 0.61 1.03
N GLN A 37 -9.89 -0.68 1.33
CA GLN A 37 -11.11 -1.46 1.44
C GLN A 37 -12.21 -0.66 2.12
N MET A 38 -13.46 -1.02 1.84
CA MET A 38 -14.60 -0.33 2.43
C MET A 38 -15.11 -1.07 3.67
N TYR A 39 -16.03 -0.45 4.40
CA TYR A 39 -16.59 -1.04 5.59
C TYR A 39 -18.09 -0.74 5.71
N GLY A 40 -18.91 -1.75 5.44
CA GLY A 40 -20.34 -1.57 5.51
C GLY A 40 -21.11 -2.85 5.23
N SER A 41 -21.61 -3.48 6.29
CA SER A 41 -22.35 -4.73 6.15
C SER A 41 -23.85 -4.49 6.34
N GLY A 42 -24.49 -3.96 5.29
CA GLY A 42 -25.91 -3.69 5.35
C GLY A 42 -26.27 -2.36 4.74
N PRO A 43 -27.49 -1.87 5.06
CA PRO A 43 -27.98 -0.59 4.54
C PRO A 43 -27.24 0.61 5.13
N SER A 44 -27.01 0.57 6.44
CA SER A 44 -26.30 1.65 7.13
C SER A 44 -25.28 1.08 8.12
N SER A 45 -24.16 1.78 8.25
CA SER A 45 -23.10 1.35 9.17
C SER A 45 -23.05 2.26 10.39
N GLY A 46 -23.09 3.56 10.16
CA GLY A 46 -23.03 4.52 11.25
C GLY A 46 -21.69 4.53 11.94
ZN ZN B . 0.82 2.87 2.78
N GLY A 1 16.92 -7.89 3.03
CA GLY A 1 15.80 -7.89 2.10
C GLY A 1 15.82 -9.10 1.18
N SER A 2 15.43 -10.26 1.71
CA SER A 2 15.41 -11.49 0.94
C SER A 2 15.00 -11.22 -0.51
N SER A 3 13.81 -10.64 -0.68
CA SER A 3 13.31 -10.33 -2.02
C SER A 3 14.30 -9.47 -2.79
N GLY A 4 14.73 -8.37 -2.18
CA GLY A 4 15.67 -7.48 -2.82
C GLY A 4 15.03 -6.18 -3.26
N SER A 5 15.73 -5.43 -4.11
CA SER A 5 15.24 -4.16 -4.60
C SER A 5 15.80 -3.85 -5.99
N SER A 6 14.90 -3.54 -6.92
CA SER A 6 15.31 -3.23 -8.29
C SER A 6 15.70 -1.76 -8.42
N GLY A 7 14.88 -0.88 -7.85
CA GLY A 7 15.15 0.54 -7.91
C GLY A 7 14.85 1.24 -6.60
N PRO A 8 14.98 2.58 -6.60
CA PRO A 8 14.72 3.40 -5.41
C PRO A 8 13.25 3.44 -5.04
N LYS A 9 12.42 2.75 -5.82
CA LYS A 9 10.99 2.70 -5.57
C LYS A 9 10.65 1.61 -4.56
N GLN A 10 11.44 1.50 -3.51
CA GLN A 10 11.23 0.49 -2.48
C GLN A 10 10.40 1.07 -1.33
N ARG A 11 9.36 1.82 -1.67
CA ARG A 11 8.50 2.43 -0.67
C ARG A 11 7.04 2.40 -1.12
N CYS A 12 6.13 2.54 -0.15
CA CYS A 12 4.70 2.52 -0.45
C CYS A 12 4.39 3.38 -1.68
N ARG A 13 3.34 3.00 -2.40
CA ARG A 13 2.93 3.73 -3.60
C ARG A 13 2.49 5.15 -3.24
N ALA A 14 1.60 5.26 -2.26
CA ALA A 14 1.09 6.56 -1.84
C ALA A 14 2.23 7.57 -1.71
N PRO A 15 2.01 8.78 -2.27
CA PRO A 15 3.01 9.85 -2.24
C PRO A 15 3.19 10.42 -0.84
N ALA A 16 2.30 10.05 0.07
CA ALA A 16 2.36 10.53 1.45
C ALA A 16 2.89 9.44 2.38
N CYS A 17 2.37 8.23 2.22
CA CYS A 17 2.79 7.11 3.05
C CYS A 17 4.30 6.97 3.07
N ASP A 18 4.87 6.89 4.27
CA ASP A 18 6.32 6.76 4.43
C ASP A 18 6.68 5.39 4.97
N HIS A 19 5.99 4.36 4.47
CA HIS A 19 6.25 2.98 4.91
C HIS A 19 6.72 2.12 3.74
N PHE A 20 7.47 1.07 4.07
CA PHE A 20 7.99 0.16 3.04
C PHE A 20 6.88 -0.74 2.50
N GLY A 21 6.21 -0.28 1.45
CA GLY A 21 5.14 -1.05 0.85
C GLY A 21 5.64 -2.30 0.17
N ASN A 22 4.72 -3.07 -0.40
CA ASN A 22 5.08 -4.30 -1.09
C ASN A 22 4.19 -4.53 -2.31
N ALA A 23 4.61 -5.42 -3.20
CA ALA A 23 3.85 -5.72 -4.41
C ALA A 23 2.59 -6.52 -4.07
N LYS A 24 2.74 -7.52 -3.21
CA LYS A 24 1.61 -8.36 -2.80
C LYS A 24 0.35 -7.52 -2.63
N CYS A 25 0.51 -6.35 -2.01
CA CYS A 25 -0.63 -5.46 -1.78
C CYS A 25 -0.71 -4.39 -2.86
N ASN A 26 -0.50 -4.80 -4.10
CA ASN A 26 -0.54 -3.87 -5.23
C ASN A 26 0.40 -2.69 -5.00
N GLY A 27 1.54 -2.97 -4.39
CA GLY A 27 2.51 -1.92 -4.13
C GLY A 27 2.31 -1.27 -2.77
N TYR A 28 1.08 -0.87 -2.48
CA TYR A 28 0.76 -0.23 -1.21
C TYR A 28 1.10 -1.16 -0.04
N CYS A 29 1.17 -0.57 1.16
CA CYS A 29 1.49 -1.34 2.36
C CYS A 29 0.24 -1.94 2.97
N ASN A 30 0.42 -2.78 3.98
CA ASN A 30 -0.71 -3.43 4.65
C ASN A 30 -1.72 -2.39 5.14
N GLU A 31 -1.21 -1.28 5.67
CA GLU A 31 -2.08 -0.22 6.16
C GLU A 31 -2.95 0.34 5.05
N CYS A 32 -2.31 0.88 4.01
CA CYS A 32 -3.02 1.45 2.88
C CYS A 32 -3.98 0.42 2.26
N PHE A 33 -3.50 -0.80 2.09
CA PHE A 33 -4.30 -1.87 1.52
C PHE A 33 -5.62 -2.02 2.27
N GLN A 34 -5.52 -2.08 3.60
CA GLN A 34 -6.70 -2.23 4.44
C GLN A 34 -7.67 -1.07 4.25
N PHE A 35 -7.12 0.14 4.11
CA PHE A 35 -7.92 1.33 3.91
C PHE A 35 -8.85 1.17 2.71
N LYS A 36 -8.26 0.87 1.56
CA LYS A 36 -9.03 0.68 0.33
C LYS A 36 -10.29 -0.13 0.60
N GLN A 37 -10.12 -1.33 1.16
CA GLN A 37 -11.24 -2.20 1.47
C GLN A 37 -11.93 -1.77 2.76
N MET A 38 -13.26 -1.69 2.72
CA MET A 38 -14.03 -1.30 3.89
C MET A 38 -15.16 -2.28 4.15
N TYR A 39 -15.59 -2.37 5.41
CA TYR A 39 -16.66 -3.28 5.78
C TYR A 39 -17.81 -2.52 6.45
N GLY A 40 -18.91 -3.23 6.72
CA GLY A 40 -20.05 -2.60 7.35
C GLY A 40 -20.98 -1.96 6.34
N SER A 41 -21.48 -2.76 5.40
CA SER A 41 -22.39 -2.25 4.37
C SER A 41 -23.72 -2.97 4.42
N GLY A 42 -24.81 -2.23 4.22
CA GLY A 42 -26.13 -2.82 4.25
C GLY A 42 -26.57 -3.31 2.89
N PRO A 43 -27.65 -4.11 2.86
CA PRO A 43 -28.20 -4.68 1.63
C PRO A 43 -28.85 -3.62 0.75
N SER A 44 -29.41 -2.59 1.39
CA SER A 44 -30.07 -1.52 0.66
C SER A 44 -29.17 -0.96 -0.44
N SER A 45 -29.77 -0.27 -1.40
CA SER A 45 -29.03 0.31 -2.50
C SER A 45 -29.92 1.20 -3.36
N GLY A 46 -29.35 2.28 -3.89
CA GLY A 46 -30.11 3.20 -4.72
C GLY A 46 -29.24 3.91 -5.73
ZN ZN B . 1.02 2.80 2.67
#